data_2CVD
#
_entry.id   2CVD
#
_cell.length_a   46.937
_cell.length_b   49.085
_cell.length_c   93.137
_cell.angle_alpha   85.83
_cell.angle_beta   88.71
_cell.angle_gamma   89.98
#
_symmetry.space_group_name_H-M   'P 1'
#
loop_
_entity.id
_entity.type
_entity.pdbx_description
1 polymer 'Glutathione-requiring prostaglandin D synthase'
2 non-polymer 'MAGNESIUM ION'
3 non-polymer GLUTATHIONE
4 non-polymer 4-(BENZHYDRYLOXY)-1-[3-(1H-TETRAAZOL-5-YL)PROPYL]PIPERIDINE
5 non-polymer GLYCEROL
6 water water
#
_entity_poly.entity_id   1
_entity_poly.type   'polypeptide(L)'
_entity_poly.pdbx_seq_one_letter_code
;PNYKLTYFNMRGRAEIIRYIFAYLDIQYEDHRIEQADWPEIKSTLPFGKIPILEVDGLTLHQSLAIARYLTKNTDLAGNT
EMEQCHVDAIVDTLDDFMSCFPWAEKKQDVKEQMFNELLTYNAPHLMQDLDTYLGGREWLIGMSVTWADFYWEICSTTLL
VFKPDLLDNHPRLVTLRKKVQAIPAVANWIKRRPQTKL
;
_entity_poly.pdbx_strand_id   A,B,C,D
#
# COMPACT_ATOMS: atom_id res chain seq x y z
N PRO A 1 12.70 31.61 -36.05
CA PRO A 1 11.25 31.85 -35.86
C PRO A 1 11.00 33.11 -35.04
N ASN A 2 9.73 33.46 -34.87
CA ASN A 2 9.37 34.63 -34.10
C ASN A 2 9.17 34.26 -32.64
N TYR A 3 10.02 34.81 -31.78
CA TYR A 3 9.96 34.54 -30.35
C TYR A 3 9.39 35.67 -29.52
N LYS A 4 8.50 35.32 -28.59
CA LYS A 4 7.92 36.32 -27.70
C LYS A 4 7.96 35.78 -26.27
N LEU A 5 8.76 36.42 -25.44
CA LEU A 5 8.92 36.03 -24.04
C LEU A 5 8.03 36.91 -23.18
N THR A 6 7.21 36.29 -22.33
CA THR A 6 6.33 37.04 -21.44
C THR A 6 6.68 36.77 -19.98
N TYR A 7 6.88 37.83 -19.23
CA TYR A 7 7.22 37.72 -17.81
C TYR A 7 6.95 39.08 -17.18
N PHE A 8 7.23 39.21 -15.89
CA PHE A 8 7.05 40.49 -15.20
C PHE A 8 8.26 41.36 -15.54
N ASN A 9 8.26 42.61 -15.11
CA ASN A 9 9.38 43.48 -15.36
C ASN A 9 10.40 43.24 -14.24
N MET A 10 11.05 42.09 -14.32
CA MET A 10 12.06 41.68 -13.36
C MET A 10 13.00 40.73 -14.08
N ARG A 11 14.16 40.49 -13.48
CA ARG A 11 15.10 39.54 -14.08
C ARG A 11 14.45 38.19 -13.77
N GLY A 12 14.32 37.89 -12.48
CA GLY A 12 13.69 36.66 -12.03
C GLY A 12 13.95 35.40 -12.83
N ARG A 13 12.88 34.63 -13.05
CA ARG A 13 12.96 33.36 -13.78
C ARG A 13 13.08 33.48 -15.29
N ALA A 14 12.89 34.67 -15.83
CA ALA A 14 13.00 34.84 -17.28
C ALA A 14 14.42 35.19 -17.70
N GLU A 15 15.22 35.67 -16.76
CA GLU A 15 16.57 36.10 -17.08
C GLU A 15 17.47 35.07 -17.75
N ILE A 16 17.34 33.81 -17.35
CA ILE A 16 18.18 32.77 -17.97
C ILE A 16 17.88 32.70 -19.48
N ILE A 17 16.61 32.89 -19.82
CA ILE A 17 16.19 32.85 -21.21
C ILE A 17 16.74 34.08 -21.93
N ARG A 18 16.69 35.23 -21.26
CA ARG A 18 17.19 36.46 -21.86
C ARG A 18 18.71 36.37 -22.12
N TYR A 19 19.43 35.72 -21.22
CA TYR A 19 20.88 35.55 -21.39
C TYR A 19 21.17 34.68 -22.60
N ILE A 20 20.40 33.61 -22.76
CA ILE A 20 20.61 32.70 -23.88
C ILE A 20 20.33 33.37 -25.22
N PHE A 21 19.24 34.13 -25.31
CA PHE A 21 18.92 34.85 -26.53
C PHE A 21 20.04 35.84 -26.86
N ALA A 22 20.56 36.51 -25.84
CA ALA A 22 21.61 37.49 -26.05
C ALA A 22 22.89 36.80 -26.55
N TYR A 23 23.29 35.74 -25.87
CA TYR A 23 24.49 35.00 -26.24
C TYR A 23 24.42 34.43 -27.66
N LEU A 24 23.26 33.87 -28.00
CA LEU A 24 23.07 33.28 -29.33
C LEU A 24 22.74 34.31 -30.40
N ASP A 25 22.65 35.58 -29.99
CA ASP A 25 22.33 36.67 -30.91
C ASP A 25 21.00 36.41 -31.61
N ILE A 26 19.98 36.09 -30.83
CA ILE A 26 18.65 35.83 -31.37
C ILE A 26 17.68 36.94 -30.99
N GLN A 27 16.97 37.46 -31.99
CA GLN A 27 16.00 38.53 -31.77
C GLN A 27 14.72 37.95 -31.17
N TYR A 28 14.14 38.68 -30.22
CA TYR A 28 12.91 38.25 -29.57
C TYR A 28 12.21 39.45 -28.96
N GLU A 29 10.91 39.30 -28.71
CA GLU A 29 10.13 40.37 -28.08
C GLU A 29 10.17 40.12 -26.58
N ASP A 30 10.76 41.05 -25.84
CA ASP A 30 10.88 40.95 -24.39
C ASP A 30 9.64 41.58 -23.76
N HIS A 31 8.53 40.85 -23.76
CA HIS A 31 7.28 41.35 -23.21
C HIS A 31 7.25 41.32 -21.69
N ARG A 32 7.19 42.49 -21.08
CA ARG A 32 7.14 42.61 -19.62
C ARG A 32 5.77 43.13 -19.22
N ILE A 33 5.03 42.31 -18.50
CA ILE A 33 3.68 42.68 -18.09
C ILE A 33 3.62 43.42 -16.76
N GLU A 34 2.48 44.09 -16.57
CA GLU A 34 2.22 44.85 -15.36
C GLU A 34 1.35 43.97 -14.46
N GLN A 35 1.57 44.07 -13.16
CA GLN A 35 0.83 43.26 -12.21
C GLN A 35 -0.69 43.36 -12.43
N ALA A 36 -1.16 44.54 -12.80
CA ALA A 36 -2.58 44.75 -13.02
C ALA A 36 -3.13 43.97 -14.22
N ASP A 37 -2.25 43.57 -15.13
CA ASP A 37 -2.66 42.83 -16.32
C ASP A 37 -2.50 41.32 -16.18
N TRP A 38 -1.79 40.88 -15.15
CA TRP A 38 -1.55 39.47 -14.91
C TRP A 38 -2.81 38.59 -14.85
N PRO A 39 -3.76 38.93 -13.96
CA PRO A 39 -5.00 38.17 -13.83
C PRO A 39 -5.60 37.66 -15.15
N GLU A 40 -5.77 38.56 -16.11
CA GLU A 40 -6.34 38.20 -17.40
C GLU A 40 -5.41 37.29 -18.21
N ILE A 41 -4.12 37.61 -18.19
CA ILE A 41 -3.13 36.82 -18.92
C ILE A 41 -3.13 35.39 -18.37
N LYS A 42 -2.98 35.29 -17.06
CA LYS A 42 -2.92 34.02 -16.35
C LYS A 42 -4.02 33.03 -16.75
N SER A 43 -5.26 33.54 -16.86
CA SER A 43 -6.39 32.70 -17.21
C SER A 43 -6.31 32.08 -18.60
N THR A 44 -5.40 32.59 -19.44
CA THR A 44 -5.25 32.07 -20.80
C THR A 44 -4.11 31.08 -20.93
N LEU A 45 -3.31 30.95 -19.87
CA LEU A 45 -2.17 30.04 -19.89
C LEU A 45 -2.53 28.66 -19.34
N PRO A 46 -2.13 27.60 -20.06
CA PRO A 46 -2.39 26.22 -19.65
C PRO A 46 -2.10 25.93 -18.17
N PHE A 47 -1.01 26.46 -17.63
CA PHE A 47 -0.69 26.23 -16.23
C PHE A 47 -0.63 27.51 -15.37
N GLY A 48 -1.16 28.59 -15.92
CA GLY A 48 -1.23 29.87 -15.23
C GLY A 48 0.03 30.42 -14.58
N LYS A 49 1.20 30.13 -15.16
CA LYS A 49 2.45 30.63 -14.62
C LYS A 49 3.34 31.21 -15.72
N ILE A 50 4.21 32.13 -15.33
CA ILE A 50 5.16 32.72 -16.26
C ILE A 50 6.54 32.51 -15.66
N PRO A 51 7.60 32.60 -16.48
CA PRO A 51 7.60 32.89 -17.91
C PRO A 51 7.04 31.84 -18.86
N ILE A 52 6.69 32.32 -20.04
CA ILE A 52 6.22 31.48 -21.13
C ILE A 52 6.95 32.05 -22.33
N LEU A 53 7.18 31.21 -23.34
CA LEU A 53 7.84 31.64 -24.55
C LEU A 53 7.00 31.17 -25.72
N GLU A 54 6.57 32.12 -26.55
CA GLU A 54 5.77 31.78 -27.70
C GLU A 54 6.70 31.69 -28.90
N VAL A 55 6.62 30.57 -29.60
CA VAL A 55 7.44 30.33 -30.79
C VAL A 55 6.46 30.21 -31.94
N ASP A 56 6.40 31.25 -32.78
CA ASP A 56 5.49 31.27 -33.91
C ASP A 56 4.07 30.99 -33.43
N GLY A 57 3.71 31.56 -32.28
CA GLY A 57 2.38 31.38 -31.75
C GLY A 57 2.16 30.20 -30.82
N LEU A 58 3.08 29.24 -30.81
CA LEU A 58 2.96 28.08 -29.93
C LEU A 58 3.58 28.41 -28.58
N THR A 59 2.84 28.13 -27.51
CA THR A 59 3.31 28.44 -26.16
C THR A 59 4.11 27.35 -25.46
N LEU A 60 5.26 27.73 -24.93
CA LEU A 60 6.13 26.84 -24.17
C LEU A 60 6.18 27.43 -22.77
N HIS A 61 6.30 26.58 -21.75
CA HIS A 61 6.37 27.08 -20.39
C HIS A 61 7.51 26.39 -19.62
N GLN A 62 7.71 26.84 -18.37
CA GLN A 62 8.76 26.37 -17.45
C GLN A 62 10.11 26.93 -17.92
N SER A 63 10.63 27.91 -17.18
CA SER A 63 11.87 28.57 -17.55
C SER A 63 13.04 27.68 -17.92
N LEU A 64 13.32 26.65 -17.13
CA LEU A 64 14.45 25.78 -17.41
C LEU A 64 14.20 24.83 -18.58
N ALA A 65 12.94 24.46 -18.78
CA ALA A 65 12.61 23.58 -19.91
C ALA A 65 12.85 24.40 -21.19
N ILE A 66 12.44 25.66 -21.15
CA ILE A 66 12.62 26.55 -22.29
C ILE A 66 14.11 26.81 -22.53
N ALA A 67 14.86 27.06 -21.46
CA ALA A 67 16.30 27.31 -21.59
C ALA A 67 17.01 26.12 -22.22
N ARG A 68 16.64 24.92 -21.80
CA ARG A 68 17.25 23.71 -22.35
C ARG A 68 16.89 23.57 -23.84
N TYR A 69 15.65 23.88 -24.17
CA TYR A 69 15.17 23.81 -25.55
C TYR A 69 15.99 24.74 -26.44
N LEU A 70 16.24 25.96 -25.97
CA LEU A 70 16.98 26.95 -26.73
C LEU A 70 18.47 26.67 -26.86
N THR A 71 19.05 25.94 -25.91
CA THR A 71 20.48 25.66 -25.97
C THR A 71 20.86 24.32 -26.59
N LYS A 72 19.87 23.48 -26.88
CA LYS A 72 20.16 22.19 -27.50
C LYS A 72 20.83 22.45 -28.85
N ASN A 73 21.87 21.69 -29.16
CA ASN A 73 22.58 21.83 -30.42
C ASN A 73 23.47 23.07 -30.49
N THR A 74 23.63 23.77 -29.38
CA THR A 74 24.50 24.96 -29.34
C THR A 74 25.68 24.63 -28.43
N ASP A 75 26.67 25.53 -28.37
CA ASP A 75 27.83 25.28 -27.54
C ASP A 75 27.60 25.54 -26.05
N LEU A 76 26.36 25.85 -25.68
CA LEU A 76 26.03 26.12 -24.28
C LEU A 76 25.46 24.89 -23.56
N ALA A 77 25.18 23.82 -24.31
CA ALA A 77 24.55 22.61 -23.78
C ALA A 77 25.36 21.60 -22.97
N GLY A 78 26.61 21.40 -23.35
CA GLY A 78 27.45 20.40 -22.70
C GLY A 78 27.95 19.57 -23.87
N ASN A 79 29.22 19.17 -23.85
CA ASN A 79 29.82 18.44 -24.96
C ASN A 79 29.54 16.95 -25.12
N THR A 80 28.96 16.33 -24.10
CA THR A 80 28.61 14.92 -24.15
C THR A 80 27.29 14.77 -23.41
N GLU A 81 26.62 13.64 -23.58
CA GLU A 81 25.36 13.43 -22.88
C GLU A 81 25.59 13.48 -21.37
N MET A 82 26.71 12.93 -20.91
CA MET A 82 27.03 12.95 -19.49
C MET A 82 27.24 14.38 -19.01
N GLU A 83 27.97 15.17 -19.78
CA GLU A 83 28.19 16.55 -19.40
C GLU A 83 26.87 17.33 -19.41
N GLN A 84 25.99 16.99 -20.34
CA GLN A 84 24.70 17.67 -20.41
C GLN A 84 23.91 17.34 -19.13
N CYS A 85 24.13 16.13 -18.61
CA CYS A 85 23.46 15.73 -17.37
C CYS A 85 24.02 16.58 -16.23
N HIS A 86 25.34 16.80 -16.23
CA HIS A 86 25.94 17.62 -15.19
C HIS A 86 25.39 19.05 -15.25
N VAL A 87 25.22 19.57 -16.46
CA VAL A 87 24.67 20.92 -16.62
C VAL A 87 23.27 20.97 -16.01
N ASP A 88 22.43 20.00 -16.39
CA ASP A 88 21.08 19.95 -15.86
C ASP A 88 21.06 19.81 -14.34
N ALA A 89 21.95 18.99 -13.81
CA ALA A 89 22.01 18.76 -12.37
C ALA A 89 22.38 20.02 -11.59
N ILE A 90 23.37 20.75 -12.08
CA ILE A 90 23.78 21.98 -11.41
C ILE A 90 22.64 22.99 -11.47
N VAL A 91 21.98 23.08 -12.61
CA VAL A 91 20.87 24.01 -12.76
C VAL A 91 19.74 23.66 -11.79
N ASP A 92 19.43 22.37 -11.64
CA ASP A 92 18.35 21.98 -10.73
C ASP A 92 18.76 22.18 -9.26
N THR A 93 20.04 22.02 -8.96
CA THR A 93 20.53 22.21 -7.59
C THR A 93 20.35 23.68 -7.23
N LEU A 94 20.68 24.56 -8.18
CA LEU A 94 20.52 25.99 -7.95
C LEU A 94 19.03 26.32 -7.88
N ASP A 95 18.25 25.79 -8.81
CA ASP A 95 16.83 26.10 -8.82
C ASP A 95 16.10 25.55 -7.59
N ASP A 96 16.53 24.39 -7.10
CA ASP A 96 15.91 23.81 -5.89
C ASP A 96 16.03 24.82 -4.75
N PHE A 97 17.22 25.40 -4.61
CA PHE A 97 17.46 26.37 -3.53
C PHE A 97 16.63 27.63 -3.73
N MET A 98 16.68 28.22 -4.93
CA MET A 98 15.93 29.44 -5.17
C MET A 98 14.44 29.21 -4.93
N SER A 99 13.95 28.04 -5.34
CA SER A 99 12.54 27.70 -5.19
C SER A 99 12.11 27.48 -3.74
N CYS A 100 13.07 27.33 -2.84
CA CYS A 100 12.76 27.12 -1.43
C CYS A 100 12.22 28.36 -0.74
N PHE A 101 12.54 29.53 -1.28
CA PHE A 101 12.07 30.78 -0.68
C PHE A 101 10.55 30.91 -0.84
N PRO A 102 9.83 30.95 0.30
CA PRO A 102 8.36 31.06 0.40
C PRO A 102 7.76 32.42 0.04
N TRP A 103 7.87 32.82 -1.21
CA TRP A 103 7.32 34.10 -1.64
C TRP A 103 5.80 34.13 -1.50
N ALA A 104 5.18 32.96 -1.48
CA ALA A 104 3.73 32.87 -1.37
C ALA A 104 3.21 32.59 0.04
N GLU A 105 4.11 32.56 1.02
CA GLU A 105 3.70 32.30 2.40
C GLU A 105 2.63 33.27 2.85
N LYS A 106 1.52 32.72 3.35
CA LYS A 106 0.39 33.51 3.81
C LYS A 106 0.73 34.38 5.02
N LYS A 107 1.50 33.82 5.95
CA LYS A 107 1.89 34.54 7.16
C LYS A 107 3.21 35.28 6.98
N GLN A 108 3.15 36.60 6.95
CA GLN A 108 4.34 37.43 6.80
C GLN A 108 5.29 37.16 7.95
N ASP A 109 4.74 36.61 9.03
CA ASP A 109 5.49 36.27 10.22
C ASP A 109 6.49 35.15 9.92
N VAL A 110 5.97 34.02 9.47
CA VAL A 110 6.79 32.86 9.13
C VAL A 110 7.65 33.13 7.91
N LYS A 111 7.08 33.85 6.94
CA LYS A 111 7.78 34.18 5.70
C LYS A 111 9.13 34.85 5.95
N GLU A 112 9.13 35.86 6.80
CA GLU A 112 10.34 36.60 7.12
C GLU A 112 11.36 35.68 7.78
N GLN A 113 10.89 34.88 8.73
CA GLN A 113 11.75 33.95 9.46
C GLN A 113 12.41 32.92 8.53
N MET A 114 11.66 32.41 7.56
CA MET A 114 12.18 31.43 6.63
C MET A 114 13.24 32.02 5.70
N PHE A 115 13.01 33.25 5.23
CA PHE A 115 13.98 33.89 4.35
C PHE A 115 15.33 34.04 5.06
N ASN A 116 15.29 34.54 6.29
CA ASN A 116 16.50 34.73 7.07
C ASN A 116 17.22 33.41 7.33
N GLU A 117 16.45 32.36 7.61
CA GLU A 117 17.01 31.03 7.86
C GLU A 117 17.72 30.49 6.62
N LEU A 118 17.08 30.64 5.47
CA LEU A 118 17.65 30.15 4.21
C LEU A 118 18.92 30.91 3.83
N LEU A 119 18.94 32.21 4.09
CA LEU A 119 20.08 33.04 3.76
C LEU A 119 21.26 32.89 4.73
N THR A 120 20.94 32.76 6.02
CA THR A 120 21.98 32.64 7.03
C THR A 120 22.52 31.21 7.21
N TYR A 121 21.65 30.22 7.08
CA TYR A 121 22.06 28.84 7.26
C TYR A 121 22.31 28.05 5.98
N ASN A 122 21.26 27.87 5.18
CA ASN A 122 21.36 27.09 3.94
C ASN A 122 22.25 27.68 2.87
N ALA A 123 22.14 28.97 2.61
CA ALA A 123 22.94 29.63 1.58
C ALA A 123 24.43 29.35 1.69
N PRO A 124 25.03 29.57 2.87
CA PRO A 124 26.47 29.32 3.03
C PRO A 124 26.86 27.88 2.71
N HIS A 125 26.00 26.93 3.09
CA HIS A 125 26.29 25.52 2.84
C HIS A 125 26.36 25.26 1.34
N LEU A 126 25.39 25.83 0.61
CA LEU A 126 25.34 25.67 -0.83
C LEU A 126 26.55 26.31 -1.50
N MET A 127 26.94 27.49 -1.04
CA MET A 127 28.10 28.17 -1.62
C MET A 127 29.34 27.31 -1.46
N GLN A 128 29.48 26.68 -0.29
CA GLN A 128 30.64 25.83 -0.05
C GLN A 128 30.63 24.61 -0.96
N ASP A 129 29.45 24.01 -1.15
CA ASP A 129 29.34 22.85 -2.03
C ASP A 129 29.67 23.22 -3.46
N LEU A 130 29.20 24.37 -3.92
CA LEU A 130 29.45 24.82 -5.28
C LEU A 130 30.93 25.13 -5.49
N ASP A 131 31.55 25.74 -4.48
CA ASP A 131 32.96 26.08 -4.57
C ASP A 131 33.80 24.81 -4.70
N THR A 132 33.47 23.81 -3.88
CA THR A 132 34.20 22.54 -3.92
C THR A 132 33.96 21.83 -5.24
N TYR A 133 32.73 21.89 -5.74
CA TYR A 133 32.38 21.25 -7.00
C TYR A 133 33.18 21.86 -8.15
N LEU A 134 33.28 23.19 -8.14
CA LEU A 134 34.03 23.90 -9.17
C LEU A 134 35.52 23.64 -9.06
N GLY A 135 36.02 23.63 -7.82
CA GLY A 135 37.43 23.40 -7.61
C GLY A 135 38.24 24.47 -8.33
N GLY A 136 39.36 24.08 -8.92
CA GLY A 136 40.19 25.04 -9.62
C GLY A 136 39.88 25.11 -11.10
N ARG A 137 38.71 24.61 -11.49
CA ARG A 137 38.32 24.63 -12.89
C ARG A 137 37.83 26.01 -13.33
N GLU A 138 37.87 26.23 -14.64
CA GLU A 138 37.46 27.51 -15.22
C GLU A 138 35.94 27.67 -15.25
N TRP A 139 35.24 26.64 -15.69
CA TRP A 139 33.78 26.66 -15.76
C TRP A 139 33.23 25.47 -14.97
N LEU A 140 31.94 25.53 -14.62
CA LEU A 140 31.31 24.46 -13.84
C LEU A 140 31.33 23.10 -14.52
N ILE A 141 31.09 23.08 -15.84
CA ILE A 141 31.10 21.84 -16.60
C ILE A 141 31.96 21.96 -17.84
N GLY A 142 32.75 20.92 -18.11
CA GLY A 142 33.61 20.91 -19.29
C GLY A 142 34.69 21.96 -19.31
N MET A 143 35.16 22.28 -20.52
CA MET A 143 36.21 23.28 -20.70
C MET A 143 35.72 24.56 -21.35
N SER A 144 34.40 24.75 -21.38
CA SER A 144 33.82 25.94 -21.97
C SER A 144 32.54 26.32 -21.23
N VAL A 145 32.13 27.57 -21.38
CA VAL A 145 30.93 28.06 -20.71
C VAL A 145 29.66 27.31 -21.14
N THR A 146 28.76 27.08 -20.18
CA THR A 146 27.50 26.41 -20.45
C THR A 146 26.43 27.26 -19.78
N TRP A 147 25.16 26.97 -20.07
CA TRP A 147 24.11 27.78 -19.45
C TRP A 147 24.02 27.56 -17.94
N ALA A 148 24.76 26.58 -17.43
CA ALA A 148 24.78 26.34 -15.98
C ALA A 148 25.57 27.50 -15.37
N ASP A 149 26.61 27.95 -16.08
CA ASP A 149 27.41 29.08 -15.59
C ASP A 149 26.52 30.33 -15.61
N PHE A 150 25.68 30.47 -16.63
CA PHE A 150 24.77 31.60 -16.72
C PHE A 150 23.82 31.61 -15.53
N TYR A 151 23.25 30.44 -15.23
CA TYR A 151 22.30 30.36 -14.13
C TYR A 151 22.98 30.65 -12.79
N TRP A 152 24.23 30.25 -12.65
CA TRP A 152 24.95 30.52 -11.42
C TRP A 152 25.07 32.04 -11.23
N GLU A 153 25.48 32.73 -12.29
CA GLU A 153 25.64 34.18 -12.19
C GLU A 153 24.31 34.86 -11.90
N ILE A 154 23.25 34.39 -12.55
CA ILE A 154 21.91 34.94 -12.38
C ILE A 154 21.38 34.74 -10.95
N CYS A 155 21.48 33.52 -10.45
CA CYS A 155 21.01 33.23 -9.10
C CYS A 155 21.82 33.96 -8.05
N SER A 156 23.15 33.93 -8.19
CA SER A 156 24.00 34.59 -7.21
C SER A 156 23.79 36.10 -7.20
N THR A 157 23.53 36.69 -8.36
CA THR A 157 23.31 38.13 -8.43
C THR A 157 22.11 38.50 -7.55
N THR A 158 21.03 37.75 -7.65
CA THR A 158 19.87 38.08 -6.84
C THR A 158 20.09 37.77 -5.36
N LEU A 159 20.77 36.67 -5.05
CA LEU A 159 21.03 36.34 -3.66
C LEU A 159 21.91 37.41 -3.01
N LEU A 160 22.86 37.95 -3.77
CA LEU A 160 23.75 38.98 -3.24
C LEU A 160 22.99 40.24 -2.83
N VAL A 161 21.80 40.44 -3.38
CA VAL A 161 20.99 41.60 -3.01
C VAL A 161 20.51 41.42 -1.58
N PHE A 162 20.19 40.19 -1.22
CA PHE A 162 19.70 39.88 0.12
C PHE A 162 20.83 39.62 1.10
N LYS A 163 21.95 39.12 0.61
CA LYS A 163 23.10 38.81 1.46
C LYS A 163 24.40 39.16 0.73
N PRO A 164 24.81 40.44 0.80
CA PRO A 164 26.02 40.94 0.15
C PRO A 164 27.33 40.20 0.46
N ASP A 165 27.46 39.63 1.65
CA ASP A 165 28.70 38.94 2.01
C ASP A 165 28.69 37.46 1.66
N LEU A 166 27.70 37.04 0.88
CA LEU A 166 27.56 35.65 0.47
C LEU A 166 28.82 34.97 -0.05
N LEU A 167 29.59 35.68 -0.87
CA LEU A 167 30.79 35.10 -1.46
C LEU A 167 32.13 35.62 -0.94
N ASP A 168 32.14 36.22 0.25
CA ASP A 168 33.37 36.74 0.81
C ASP A 168 34.44 35.67 1.01
N ASN A 169 34.00 34.44 1.26
CA ASN A 169 34.93 33.33 1.49
C ASN A 169 35.10 32.43 0.26
N HIS A 170 34.55 32.85 -0.88
CA HIS A 170 34.66 32.04 -2.10
C HIS A 170 35.04 32.86 -3.33
N PRO A 171 36.29 33.34 -3.38
CA PRO A 171 36.75 34.13 -4.52
C PRO A 171 36.64 33.44 -5.88
N ARG A 172 36.77 32.11 -5.89
CA ARG A 172 36.67 31.37 -7.14
C ARG A 172 35.25 31.45 -7.71
N LEU A 173 34.25 31.55 -6.85
CA LEU A 173 32.87 31.66 -7.32
C LEU A 173 32.62 33.07 -7.85
N VAL A 174 33.34 34.04 -7.28
CA VAL A 174 33.23 35.43 -7.71
C VAL A 174 33.88 35.54 -9.08
N THR A 175 35.03 34.91 -9.24
CA THR A 175 35.75 34.93 -10.52
C THR A 175 34.86 34.35 -11.61
N LEU A 176 34.17 33.25 -11.32
CA LEU A 176 33.28 32.64 -12.30
C LEU A 176 32.21 33.63 -12.72
N ARG A 177 31.65 34.34 -11.74
CA ARG A 177 30.61 35.34 -12.01
C ARG A 177 31.15 36.39 -12.97
N LYS A 178 32.33 36.91 -12.67
CA LYS A 178 32.94 37.95 -13.49
C LYS A 178 33.22 37.45 -14.90
N LYS A 179 33.59 36.18 -15.03
CA LYS A 179 33.87 35.61 -16.34
C LYS A 179 32.61 35.58 -17.19
N VAL A 180 31.47 35.27 -16.57
CA VAL A 180 30.21 35.23 -17.30
C VAL A 180 29.81 36.66 -17.67
N GLN A 181 29.95 37.57 -16.71
CA GLN A 181 29.60 38.96 -16.93
C GLN A 181 30.49 39.63 -17.98
N ALA A 182 31.67 39.07 -18.21
CA ALA A 182 32.62 39.62 -19.18
C ALA A 182 32.40 39.15 -20.61
N ILE A 183 31.54 38.15 -20.78
CA ILE A 183 31.25 37.65 -22.12
C ILE A 183 30.55 38.78 -22.88
N PRO A 184 31.14 39.25 -23.99
CA PRO A 184 30.61 40.33 -24.82
C PRO A 184 29.08 40.44 -24.93
N ALA A 185 28.45 39.41 -25.46
CA ALA A 185 27.00 39.42 -25.63
C ALA A 185 26.26 39.55 -24.29
N VAL A 186 26.79 38.92 -23.26
CA VAL A 186 26.19 38.97 -21.93
C VAL A 186 26.42 40.34 -21.29
N ALA A 187 27.65 40.83 -21.40
CA ALA A 187 28.01 42.14 -20.84
C ALA A 187 27.12 43.23 -21.46
N ASN A 188 26.88 43.12 -22.76
CA ASN A 188 26.06 44.10 -23.46
C ASN A 188 24.61 44.07 -22.96
N TRP A 189 24.10 42.88 -22.67
CA TRP A 189 22.74 42.76 -22.18
C TRP A 189 22.63 43.31 -20.76
N ILE A 190 23.61 42.99 -19.92
CA ILE A 190 23.60 43.46 -18.54
C ILE A 190 23.60 44.98 -18.47
N LYS A 191 24.30 45.62 -19.40
CA LYS A 191 24.36 47.08 -19.40
C LYS A 191 23.11 47.75 -19.92
N ARG A 192 22.39 47.09 -20.82
CA ARG A 192 21.18 47.70 -21.39
C ARG A 192 19.84 47.24 -20.83
N ARG A 193 19.82 46.13 -20.10
CA ARG A 193 18.58 45.62 -19.55
C ARG A 193 17.97 46.57 -18.51
N PRO A 194 16.65 46.48 -18.32
CA PRO A 194 15.97 47.34 -17.34
C PRO A 194 16.55 47.08 -15.95
N GLN A 195 16.78 48.14 -15.19
CA GLN A 195 17.33 48.01 -13.85
C GLN A 195 16.20 47.77 -12.85
N THR A 196 16.18 46.57 -12.28
CA THR A 196 15.16 46.19 -11.32
C THR A 196 15.83 45.53 -10.12
N LYS A 197 15.12 45.46 -9.00
CA LYS A 197 15.69 44.86 -7.80
C LYS A 197 15.86 43.35 -8.00
N LEU A 198 14.78 42.69 -8.43
CA LEU A 198 14.79 41.25 -8.64
C LEU A 198 14.73 40.88 -10.12
N PRO B 1 -0.32 -34.97 29.98
CA PRO B 1 -1.35 -34.54 30.96
C PRO B 1 -2.60 -35.41 30.90
N ASN B 2 -3.54 -35.15 31.82
CA ASN B 2 -4.78 -35.90 31.85
C ASN B 2 -5.82 -35.19 31.02
N TYR B 3 -6.26 -35.85 29.95
CA TYR B 3 -7.24 -35.28 29.03
C TYR B 3 -8.64 -35.86 29.19
N LYS B 4 -9.64 -34.97 29.20
CA LYS B 4 -11.04 -35.39 29.29
C LYS B 4 -11.84 -34.64 28.24
N LEU B 5 -12.35 -35.38 27.26
CA LEU B 5 -13.14 -34.81 26.19
C LEU B 5 -14.63 -35.02 26.49
N THR B 6 -15.42 -33.95 26.41
CA THR B 6 -16.86 -34.06 26.67
C THR B 6 -17.66 -33.65 25.44
N TYR B 7 -18.60 -34.51 25.05
CA TYR B 7 -19.43 -34.25 23.90
C TYR B 7 -20.60 -35.22 23.99
N PHE B 8 -21.50 -35.17 23.01
CA PHE B 8 -22.62 -36.09 23.01
C PHE B 8 -22.10 -37.43 22.50
N ASN B 9 -22.96 -38.44 22.51
CA ASN B 9 -22.56 -39.75 22.01
C ASN B 9 -22.77 -39.76 20.51
N MET B 10 -21.91 -39.00 19.82
CA MET B 10 -21.95 -38.88 18.37
C MET B 10 -20.53 -38.60 17.91
N ARG B 11 -20.28 -38.74 16.62
CA ARG B 11 -18.96 -38.42 16.07
C ARG B 11 -18.96 -36.89 16.06
N GLY B 12 -19.87 -36.33 15.27
CA GLY B 12 -20.02 -34.89 15.18
C GLY B 12 -18.77 -34.05 15.22
N ARG B 13 -18.82 -32.97 16.02
CA ARG B 13 -17.70 -32.04 16.14
C ARG B 13 -16.56 -32.50 17.03
N ALA B 14 -16.72 -33.60 17.74
CA ALA B 14 -15.65 -34.09 18.61
C ALA B 14 -14.74 -35.08 17.90
N GLU B 15 -15.25 -35.68 16.84
CA GLU B 15 -14.49 -36.70 16.13
C GLU B 15 -13.12 -36.29 15.65
N ILE B 16 -12.96 -35.03 15.21
CA ILE B 16 -11.63 -34.61 14.76
C ILE B 16 -10.63 -34.73 15.90
N ILE B 17 -11.08 -34.41 17.11
CA ILE B 17 -10.23 -34.49 18.29
C ILE B 17 -9.92 -35.96 18.60
N ARG B 18 -10.92 -36.82 18.46
CA ARG B 18 -10.72 -38.25 18.71
C ARG B 18 -9.74 -38.86 17.70
N TYR B 19 -9.78 -38.39 16.46
CA TYR B 19 -8.86 -38.90 15.43
C TYR B 19 -7.43 -38.52 15.80
N ILE B 20 -7.25 -37.28 16.23
CA ILE B 20 -5.93 -36.79 16.60
C ILE B 20 -5.36 -37.54 17.79
N PHE B 21 -6.17 -37.78 18.82
CA PHE B 21 -5.70 -38.52 19.99
C PHE B 21 -5.29 -39.92 19.55
N ALA B 22 -6.10 -40.54 18.69
CA ALA B 22 -5.80 -41.89 18.22
C ALA B 22 -4.50 -41.93 17.43
N TYR B 23 -4.35 -41.01 16.49
CA TYR B 23 -3.14 -40.95 15.66
C TYR B 23 -1.88 -40.73 16.49
N LEU B 24 -1.96 -39.83 17.45
CA LEU B 24 -0.83 -39.51 18.31
C LEU B 24 -0.65 -40.50 19.45
N ASP B 25 -1.52 -41.50 19.51
CA ASP B 25 -1.45 -42.51 20.55
C ASP B 25 -1.50 -41.86 21.94
N ILE B 26 -2.45 -40.97 22.13
CA ILE B 26 -2.60 -40.27 23.41
C ILE B 26 -3.85 -40.75 24.13
N GLN B 27 -3.70 -41.16 25.38
CA GLN B 27 -4.84 -41.63 26.16
C GLN B 27 -5.67 -40.47 26.68
N TYR B 28 -6.99 -40.64 26.67
CA TYR B 28 -7.91 -39.62 27.13
C TYR B 28 -9.24 -40.25 27.54
N GLU B 29 -10.02 -39.51 28.32
CA GLU B 29 -11.33 -39.99 28.75
C GLU B 29 -12.33 -39.49 27.72
N ASP B 30 -13.01 -40.43 27.06
CA ASP B 30 -14.00 -40.08 26.05
C ASP B 30 -15.37 -39.98 26.71
N HIS B 31 -15.63 -38.85 27.36
CA HIS B 31 -16.89 -38.63 28.06
C HIS B 31 -18.03 -38.27 27.11
N ARG B 32 -19.02 -39.15 27.03
CA ARG B 32 -20.19 -38.94 26.18
C ARG B 32 -21.42 -38.77 27.04
N ILE B 33 -22.07 -37.61 26.95
CA ILE B 33 -23.25 -37.33 27.74
C ILE B 33 -24.55 -37.48 26.96
N GLU B 34 -25.65 -37.60 27.69
CA GLU B 34 -26.96 -37.72 27.09
C GLU B 34 -27.62 -36.36 27.14
N GLN B 35 -28.62 -36.15 26.29
CA GLN B 35 -29.35 -34.88 26.24
C GLN B 35 -29.88 -34.51 27.62
N ALA B 36 -30.29 -35.52 28.40
CA ALA B 36 -30.83 -35.29 29.72
C ALA B 36 -29.82 -34.67 30.69
N ASP B 37 -28.54 -34.91 30.47
CA ASP B 37 -27.50 -34.37 31.34
C ASP B 37 -26.95 -33.04 30.85
N TRP B 38 -27.18 -32.74 29.58
CA TRP B 38 -26.68 -31.51 28.97
C TRP B 38 -27.04 -30.19 29.67
N PRO B 39 -28.34 -29.89 29.79
CA PRO B 39 -28.77 -28.64 30.45
C PRO B 39 -28.00 -28.26 31.71
N GLU B 40 -27.67 -29.24 32.53
CA GLU B 40 -26.95 -28.99 33.77
C GLU B 40 -25.47 -28.70 33.55
N ILE B 41 -24.85 -29.42 32.63
CA ILE B 41 -23.43 -29.22 32.33
C ILE B 41 -23.23 -27.92 31.58
N LYS B 42 -24.17 -27.59 30.69
CA LYS B 42 -24.10 -26.39 29.89
C LYS B 42 -23.95 -25.12 30.72
N SER B 43 -24.62 -25.08 31.86
CA SER B 43 -24.58 -23.92 32.73
C SER B 43 -23.21 -23.69 33.39
N THR B 44 -22.35 -24.69 33.37
CA THR B 44 -21.03 -24.58 33.98
C THR B 44 -19.94 -24.20 32.97
N LEU B 45 -20.27 -24.25 31.69
CA LEU B 45 -19.31 -23.94 30.63
C LEU B 45 -19.30 -22.46 30.23
N PRO B 46 -18.11 -21.87 30.13
CA PRO B 46 -17.93 -20.45 29.74
C PRO B 46 -18.81 -20.00 28.56
N PHE B 47 -18.87 -20.80 27.50
CA PHE B 47 -19.69 -20.42 26.36
C PHE B 47 -20.84 -21.38 26.03
N GLY B 48 -21.17 -22.21 27.02
CA GLY B 48 -22.27 -23.16 26.90
C GLY B 48 -22.35 -24.07 25.68
N LYS B 49 -21.20 -24.45 25.13
CA LYS B 49 -21.19 -25.31 23.96
C LYS B 49 -20.17 -26.45 24.12
N ILE B 50 -20.41 -27.54 23.40
CA ILE B 50 -19.49 -28.66 23.41
C ILE B 50 -19.15 -28.97 21.96
N PRO B 51 -18.04 -29.68 21.72
CA PRO B 51 -17.11 -30.24 22.69
C PRO B 51 -16.24 -29.28 23.47
N ILE B 52 -15.72 -29.79 24.59
CA ILE B 52 -14.78 -29.07 25.43
C ILE B 52 -13.74 -30.12 25.76
N LEU B 53 -12.52 -29.68 26.03
CA LEU B 53 -11.46 -30.59 26.39
C LEU B 53 -10.82 -30.06 27.66
N GLU B 54 -10.81 -30.88 28.70
CA GLU B 54 -10.20 -30.48 29.95
C GLU B 54 -8.80 -31.04 29.95
N VAL B 55 -7.83 -30.17 30.24
CA VAL B 55 -6.43 -30.55 30.29
C VAL B 55 -6.00 -30.27 31.72
N ASP B 56 -5.85 -31.33 32.51
CA ASP B 56 -5.46 -31.18 33.91
C ASP B 56 -6.42 -30.22 34.61
N GLY B 57 -7.71 -30.38 34.34
CA GLY B 57 -8.70 -29.52 34.96
C GLY B 57 -9.04 -28.23 34.24
N LEU B 58 -8.15 -27.77 33.36
CA LEU B 58 -8.38 -26.53 32.62
C LEU B 58 -9.23 -26.81 31.38
N THR B 59 -10.28 -26.02 31.21
CA THR B 59 -11.20 -26.22 30.09
C THR B 59 -10.88 -25.44 28.82
N LEU B 60 -10.84 -26.15 27.70
CA LEU B 60 -10.61 -25.57 26.38
C LEU B 60 -11.89 -25.81 25.61
N HIS B 61 -12.22 -24.92 24.68
CA HIS B 61 -13.42 -25.10 23.87
C HIS B 61 -13.12 -24.82 22.40
N GLN B 62 -14.14 -25.02 21.56
CA GLN B 62 -14.07 -24.88 20.10
C GLN B 62 -13.28 -26.04 19.50
N SER B 63 -13.99 -26.95 18.86
CA SER B 63 -13.39 -28.16 18.30
C SER B 63 -12.14 -27.97 17.45
N LEU B 64 -12.16 -27.00 16.54
CA LEU B 64 -10.99 -26.79 15.68
C LEU B 64 -9.84 -26.08 16.39
N ALA B 65 -10.15 -25.25 17.38
CA ALA B 65 -9.10 -24.58 18.14
C ALA B 65 -8.36 -25.67 18.93
N ILE B 66 -9.13 -26.58 19.52
CA ILE B 66 -8.57 -27.69 20.28
C ILE B 66 -7.74 -28.59 19.38
N ALA B 67 -8.29 -28.91 18.20
CA ALA B 67 -7.58 -29.78 17.25
C ALA B 67 -6.25 -29.17 16.86
N ARG B 68 -6.22 -27.85 16.63
CA ARG B 68 -4.99 -27.17 16.25
C ARG B 68 -3.99 -27.20 17.40
N TYR B 69 -4.48 -27.00 18.61
CA TYR B 69 -3.66 -27.02 19.80
C TYR B 69 -2.97 -28.38 19.96
N LEU B 70 -3.72 -29.45 19.73
CA LEU B 70 -3.19 -30.81 19.86
C LEU B 70 -2.20 -31.21 18.77
N THR B 71 -2.34 -30.64 17.59
CA THR B 71 -1.46 -31.00 16.49
C THR B 71 -0.22 -30.12 16.34
N LYS B 72 -0.15 -29.06 17.14
CA LYS B 72 0.99 -28.15 17.06
C LYS B 72 2.25 -28.94 17.40
N ASN B 73 3.30 -28.73 16.61
CA ASN B 73 4.58 -29.40 16.81
C ASN B 73 4.54 -30.90 16.50
N THR B 74 3.52 -31.34 15.78
CA THR B 74 3.42 -32.75 15.40
C THR B 74 3.47 -32.80 13.87
N ASP B 75 3.55 -34.00 13.30
CA ASP B 75 3.62 -34.12 11.85
C ASP B 75 2.27 -33.95 11.16
N LEU B 76 1.24 -33.60 11.92
CA LEU B 76 -0.09 -33.41 11.35
C LEU B 76 -0.40 -31.94 11.06
N ALA B 77 0.46 -31.04 11.51
CA ALA B 77 0.22 -29.60 11.36
C ALA B 77 0.50 -28.90 10.02
N GLY B 78 1.52 -29.36 9.30
CA GLY B 78 1.90 -28.73 8.06
C GLY B 78 3.37 -28.44 8.23
N ASN B 79 4.17 -28.62 7.18
CA ASN B 79 5.61 -28.44 7.27
C ASN B 79 6.23 -27.05 7.23
N THR B 80 5.42 -26.04 6.91
CA THR B 80 5.89 -24.66 6.91
C THR B 80 4.72 -23.83 7.40
N GLU B 81 4.97 -22.59 7.80
CA GLU B 81 3.90 -21.74 8.28
C GLU B 81 2.88 -21.54 7.17
N MET B 82 3.35 -21.44 5.93
CA MET B 82 2.44 -21.27 4.80
C MET B 82 1.58 -22.53 4.64
N GLU B 83 2.19 -23.71 4.75
CA GLU B 83 1.39 -24.92 4.62
C GLU B 83 0.43 -25.05 5.79
N GLN B 84 0.83 -24.55 6.96
CA GLN B 84 -0.05 -24.59 8.11
C GLN B 84 -1.26 -23.71 7.83
N CYS B 85 -1.05 -22.64 7.06
CA CYS B 85 -2.14 -21.76 6.70
C CYS B 85 -3.09 -22.50 5.76
N HIS B 86 -2.52 -23.25 4.81
CA HIS B 86 -3.36 -24.01 3.88
C HIS B 86 -4.20 -25.04 4.64
N VAL B 87 -3.61 -25.70 5.63
CA VAL B 87 -4.32 -26.67 6.44
C VAL B 87 -5.50 -25.98 7.13
N ASP B 88 -5.22 -24.85 7.78
CA ASP B 88 -6.26 -24.09 8.46
C ASP B 88 -7.36 -23.66 7.51
N ALA B 89 -6.98 -23.21 6.32
CA ALA B 89 -7.94 -22.75 5.33
C ALA B 89 -8.87 -23.84 4.83
N ILE B 90 -8.32 -25.03 4.55
CA ILE B 90 -9.15 -26.14 4.08
C ILE B 90 -10.11 -26.56 5.20
N VAL B 91 -9.61 -26.58 6.43
CA VAL B 91 -10.45 -26.96 7.55
C VAL B 91 -11.61 -25.97 7.70
N ASP B 92 -11.31 -24.68 7.59
CA ASP B 92 -12.37 -23.67 7.72
C ASP B 92 -13.35 -23.71 6.54
N THR B 93 -12.86 -24.05 5.36
CA THR B 93 -13.74 -24.14 4.20
C THR B 93 -14.72 -25.28 4.44
N LEU B 94 -14.21 -26.39 4.97
CA LEU B 94 -15.08 -27.52 5.25
C LEU B 94 -16.04 -27.18 6.40
N ASP B 95 -15.52 -26.57 7.45
CA ASP B 95 -16.39 -26.24 8.58
C ASP B 95 -17.44 -25.18 8.24
N ASP B 96 -17.09 -24.26 7.35
CA ASP B 96 -18.04 -23.22 6.93
C ASP B 96 -19.27 -23.91 6.33
N PHE B 97 -19.02 -24.92 5.49
CA PHE B 97 -20.12 -25.63 4.85
C PHE B 97 -20.93 -26.43 5.87
N MET B 98 -20.26 -27.20 6.72
CA MET B 98 -20.97 -27.99 7.72
C MET B 98 -21.80 -27.09 8.64
N SER B 99 -21.24 -25.95 8.99
CA SER B 99 -21.92 -25.00 9.87
C SER B 99 -23.13 -24.31 9.26
N CYS B 100 -23.28 -24.43 7.94
CA CYS B 100 -24.40 -23.81 7.23
C CYS B 100 -25.71 -24.53 7.48
N PHE B 101 -25.65 -25.82 7.79
CA PHE B 101 -26.87 -26.58 8.03
C PHE B 101 -27.58 -26.09 9.29
N PRO B 102 -28.83 -25.63 9.13
CA PRO B 102 -29.71 -25.10 10.18
C PRO B 102 -30.32 -26.11 11.13
N TRP B 103 -29.48 -26.73 11.97
CA TRP B 103 -29.97 -27.70 12.93
C TRP B 103 -30.85 -27.04 13.99
N ALA B 104 -30.69 -25.72 14.15
CA ALA B 104 -31.46 -24.99 15.15
C ALA B 104 -32.64 -24.22 14.57
N GLU B 105 -32.92 -24.38 13.28
CA GLU B 105 -34.05 -23.69 12.66
C GLU B 105 -35.33 -23.97 13.43
N LYS B 106 -36.03 -22.91 13.79
CA LYS B 106 -37.28 -23.01 14.56
C LYS B 106 -38.38 -23.75 13.80
N LYS B 107 -38.44 -23.56 12.49
CA LYS B 107 -39.48 -24.21 11.69
C LYS B 107 -38.97 -25.40 10.87
N GLN B 108 -39.49 -26.59 11.17
CA GLN B 108 -39.09 -27.80 10.45
C GLN B 108 -39.39 -27.63 8.97
N ASP B 109 -40.25 -26.67 8.66
CA ASP B 109 -40.64 -26.37 7.30
C ASP B 109 -39.44 -25.84 6.52
N VAL B 110 -38.92 -24.71 6.97
CA VAL B 110 -37.77 -24.08 6.33
C VAL B 110 -36.51 -24.94 6.49
N LYS B 111 -36.32 -25.46 7.70
CA LYS B 111 -35.17 -26.30 8.01
C LYS B 111 -34.97 -27.43 7.02
N GLU B 112 -36.02 -28.21 6.79
CA GLU B 112 -35.95 -29.35 5.88
C GLU B 112 -35.66 -28.93 4.44
N GLN B 113 -36.18 -27.78 4.03
CA GLN B 113 -35.97 -27.26 2.68
C GLN B 113 -34.55 -26.75 2.52
N MET B 114 -34.01 -26.18 3.60
CA MET B 114 -32.65 -25.65 3.56
C MET B 114 -31.64 -26.78 3.46
N PHE B 115 -31.91 -27.89 4.15
CA PHE B 115 -31.02 -29.04 4.11
C PHE B 115 -30.89 -29.60 2.70
N ASN B 116 -32.03 -29.83 2.05
CA ASN B 116 -32.03 -30.37 0.69
C ASN B 116 -31.32 -29.46 -0.30
N GLU B 117 -31.49 -28.15 -0.13
CA GLU B 117 -30.85 -27.20 -1.03
C GLU B 117 -29.34 -27.27 -0.87
N LEU B 118 -28.88 -27.33 0.38
CA LEU B 118 -27.45 -27.40 0.65
C LEU B 118 -26.84 -28.68 0.09
N LEU B 119 -27.58 -29.78 0.21
CA LEU B 119 -27.10 -31.07 -0.27
C LEU B 119 -27.20 -31.21 -1.79
N THR B 120 -28.29 -30.68 -2.37
CA THR B 120 -28.51 -30.77 -3.80
C THR B 120 -27.72 -29.78 -4.63
N TYR B 121 -27.55 -28.55 -4.14
CA TYR B 121 -26.84 -27.54 -4.90
C TYR B 121 -25.45 -27.19 -4.38
N ASN B 122 -25.36 -26.75 -3.14
CA ASN B 122 -24.08 -26.35 -2.57
C ASN B 122 -23.06 -27.48 -2.48
N ALA B 123 -23.45 -28.61 -1.90
CA ALA B 123 -22.54 -29.75 -1.74
C ALA B 123 -21.76 -30.11 -3.01
N PRO B 124 -22.46 -30.37 -4.12
CA PRO B 124 -21.76 -30.73 -5.36
C PRO B 124 -20.69 -29.71 -5.77
N HIS B 125 -21.00 -28.43 -5.59
CA HIS B 125 -20.06 -27.37 -5.96
C HIS B 125 -18.80 -27.45 -5.11
N LEU B 126 -18.97 -27.71 -3.82
CA LEU B 126 -17.83 -27.81 -2.92
C LEU B 126 -16.99 -29.03 -3.26
N MET B 127 -17.64 -30.16 -3.56
CA MET B 127 -16.91 -31.36 -3.92
C MET B 127 -16.05 -31.10 -5.16
N GLN B 128 -16.62 -30.40 -6.13
CA GLN B 128 -15.86 -30.10 -7.34
C GLN B 128 -14.66 -29.21 -7.01
N ASP B 129 -14.87 -28.20 -6.18
CA ASP B 129 -13.77 -27.31 -5.80
C ASP B 129 -12.68 -28.09 -5.07
N LEU B 130 -13.10 -28.99 -4.18
CA LEU B 130 -12.13 -29.80 -3.43
C LEU B 130 -11.35 -30.74 -4.34
N ASP B 131 -12.05 -31.37 -5.28
CA ASP B 131 -11.41 -32.29 -6.22
C ASP B 131 -10.37 -31.54 -7.05
N THR B 132 -10.74 -30.36 -7.53
CA THR B 132 -9.80 -29.56 -8.33
C THR B 132 -8.61 -29.15 -7.47
N TYR B 133 -8.88 -28.76 -6.23
CA TYR B 133 -7.83 -28.34 -5.31
C TYR B 133 -6.84 -29.48 -5.07
N LEU B 134 -7.36 -30.69 -4.85
CA LEU B 134 -6.52 -31.85 -4.61
C LEU B 134 -5.72 -32.23 -5.86
N GLY B 135 -6.37 -32.20 -7.01
CA GLY B 135 -5.71 -32.57 -8.24
C GLY B 135 -5.23 -34.00 -8.16
N GLY B 136 -4.03 -34.26 -8.67
CA GLY B 136 -3.50 -35.60 -8.63
C GLY B 136 -2.58 -35.83 -7.45
N ARG B 137 -2.68 -34.97 -6.45
CA ARG B 137 -1.83 -35.11 -5.27
C ARG B 137 -2.31 -36.20 -4.33
N GLU B 138 -1.41 -36.67 -3.47
CA GLU B 138 -1.74 -37.74 -2.53
C GLU B 138 -2.54 -37.23 -1.34
N TRP B 139 -2.13 -36.09 -0.80
CA TRP B 139 -2.81 -35.48 0.35
C TRP B 139 -3.21 -34.04 0.01
N LEU B 140 -4.13 -33.47 0.77
CA LEU B 140 -4.59 -32.11 0.52
C LEU B 140 -3.49 -31.05 0.63
N ILE B 141 -2.61 -31.18 1.61
CA ILE B 141 -1.52 -30.23 1.78
C ILE B 141 -0.18 -30.94 1.95
N GLY B 142 0.84 -30.44 1.25
CA GLY B 142 2.17 -31.03 1.35
C GLY B 142 2.30 -32.43 0.80
N MET B 143 3.27 -33.18 1.33
CA MET B 143 3.52 -34.54 0.87
C MET B 143 3.21 -35.60 1.93
N SER B 144 2.52 -35.20 2.98
CA SER B 144 2.17 -36.13 4.05
C SER B 144 0.80 -35.73 4.62
N VAL B 145 0.16 -36.68 5.30
CA VAL B 145 -1.14 -36.44 5.89
C VAL B 145 -1.14 -35.32 6.93
N THR B 146 -2.23 -34.55 6.97
CA THR B 146 -2.38 -33.48 7.95
C THR B 146 -3.77 -33.63 8.52
N TRP B 147 -4.09 -32.90 9.58
CA TRP B 147 -5.42 -33.05 10.16
C TRP B 147 -6.50 -32.50 9.24
N ALA B 148 -6.09 -31.84 8.15
CA ALA B 148 -7.05 -31.34 7.17
C ALA B 148 -7.61 -32.57 6.44
N ASP B 149 -6.75 -33.54 6.16
CA ASP B 149 -7.20 -34.78 5.50
C ASP B 149 -8.15 -35.50 6.45
N PHE B 150 -7.83 -35.48 7.74
CA PHE B 150 -8.69 -36.12 8.75
C PHE B 150 -10.07 -35.48 8.71
N TYR B 151 -10.11 -34.15 8.71
CA TYR B 151 -11.39 -33.46 8.72
C TYR B 151 -12.18 -33.71 7.44
N TRP B 152 -11.48 -33.85 6.32
CA TRP B 152 -12.16 -34.13 5.07
C TRP B 152 -12.88 -35.47 5.18
N GLU B 153 -12.18 -36.47 5.73
CA GLU B 153 -12.79 -37.79 5.87
C GLU B 153 -13.98 -37.76 6.82
N ILE B 154 -13.82 -37.03 7.92
CA ILE B 154 -14.88 -36.92 8.92
C ILE B 154 -16.11 -36.21 8.38
N CYS B 155 -15.91 -35.08 7.69
CA CYS B 155 -17.02 -34.33 7.14
C CYS B 155 -17.71 -35.09 6.02
N SER B 156 -16.94 -35.68 5.12
CA SER B 156 -17.52 -36.41 4.01
C SER B 156 -18.29 -37.65 4.48
N THR B 157 -17.81 -38.30 5.52
CA THR B 157 -18.49 -39.48 6.05
C THR B 157 -19.90 -39.09 6.50
N THR B 158 -20.01 -37.96 7.18
CA THR B 158 -21.30 -37.51 7.64
C THR B 158 -22.20 -37.06 6.50
N LEU B 159 -21.64 -36.35 5.54
CA LEU B 159 -22.44 -35.89 4.42
C LEU B 159 -22.94 -37.08 3.60
N LEU B 160 -22.12 -38.12 3.48
CA LEU B 160 -22.51 -39.30 2.72
C LEU B 160 -23.74 -39.99 3.32
N VAL B 161 -23.97 -39.77 4.61
CA VAL B 161 -25.13 -40.36 5.27
C VAL B 161 -26.39 -39.70 4.70
N PHE B 162 -26.29 -38.41 4.38
CA PHE B 162 -27.44 -37.68 3.85
C PHE B 162 -27.51 -37.71 2.34
N LYS B 163 -26.35 -37.82 1.69
CA LYS B 163 -26.30 -37.84 0.23
C LYS B 163 -25.30 -38.91 -0.22
N PRO B 164 -25.73 -40.17 -0.26
CA PRO B 164 -24.89 -41.31 -0.66
C PRO B 164 -24.12 -41.18 -1.99
N ASP B 165 -24.67 -40.44 -2.95
CA ASP B 165 -24.01 -40.29 -4.25
C ASP B 165 -23.10 -39.06 -4.35
N LEU B 166 -22.88 -38.41 -3.22
CA LEU B 166 -22.05 -37.20 -3.16
C LEU B 166 -20.74 -37.29 -3.93
N LEU B 167 -20.05 -38.42 -3.82
CA LEU B 167 -18.75 -38.56 -4.48
C LEU B 167 -18.68 -39.50 -5.68
N ASP B 168 -19.81 -39.79 -6.31
CA ASP B 168 -19.80 -40.68 -7.46
C ASP B 168 -18.97 -40.15 -8.63
N ASN B 169 -18.91 -38.82 -8.76
CA ASN B 169 -18.15 -38.19 -9.84
C ASN B 169 -16.73 -37.79 -9.40
N HIS B 170 -16.37 -38.13 -8.17
CA HIS B 170 -15.05 -37.77 -7.66
C HIS B 170 -14.28 -38.93 -7.02
N PRO B 171 -13.82 -39.87 -7.85
CA PRO B 171 -13.08 -41.02 -7.33
C PRO B 171 -11.80 -40.64 -6.57
N ARG B 172 -11.18 -39.53 -6.94
CA ARG B 172 -9.96 -39.10 -6.26
C ARG B 172 -10.23 -38.68 -4.81
N LEU B 173 -11.42 -38.15 -4.55
CA LEU B 173 -11.78 -37.76 -3.20
C LEU B 173 -12.10 -38.99 -2.38
N VAL B 174 -12.61 -40.02 -3.06
CA VAL B 174 -12.92 -41.28 -2.39
C VAL B 174 -11.61 -41.93 -1.98
N THR B 175 -10.63 -41.90 -2.89
CA THR B 175 -9.32 -42.47 -2.60
C THR B 175 -8.69 -41.80 -1.38
N LEU B 176 -8.82 -40.48 -1.28
CA LEU B 176 -8.26 -39.76 -0.14
C LEU B 176 -8.93 -40.23 1.15
N ARG B 177 -10.24 -40.44 1.12
CA ARG B 177 -10.97 -40.91 2.28
C ARG B 177 -10.42 -42.27 2.70
N LYS B 178 -10.26 -43.16 1.73
CA LYS B 178 -9.77 -44.50 2.03
C LYS B 178 -8.33 -44.49 2.56
N LYS B 179 -7.53 -43.53 2.11
CA LYS B 179 -6.15 -43.44 2.57
C LYS B 179 -6.12 -43.06 4.05
N VAL B 180 -7.02 -42.15 4.44
CA VAL B 180 -7.10 -41.73 5.83
C VAL B 180 -7.61 -42.89 6.67
N GLN B 181 -8.65 -43.56 6.17
CA GLN B 181 -9.24 -44.69 6.88
C GLN B 181 -8.28 -45.87 7.02
N ALA B 182 -7.32 -45.97 6.11
CA ALA B 182 -6.34 -47.06 6.15
C ALA B 182 -5.17 -46.82 7.10
N ILE B 183 -5.02 -45.60 7.60
CA ILE B 183 -3.94 -45.30 8.54
C ILE B 183 -4.21 -46.18 9.76
N PRO B 184 -3.26 -47.04 10.13
CA PRO B 184 -3.36 -47.94 11.27
C PRO B 184 -4.09 -47.41 12.51
N ALA B 185 -3.55 -46.36 13.11
CA ALA B 185 -4.16 -45.77 14.31
C ALA B 185 -5.59 -45.33 14.07
N VAL B 186 -5.86 -44.77 12.89
CA VAL B 186 -7.19 -44.31 12.56
C VAL B 186 -8.12 -45.50 12.29
N ALA B 187 -7.62 -46.47 11.52
CA ALA B 187 -8.40 -47.67 11.21
C ALA B 187 -8.86 -48.36 12.50
N ASN B 188 -7.97 -48.45 13.48
CA ASN B 188 -8.30 -49.10 14.73
C ASN B 188 -9.40 -48.35 15.48
N TRP B 189 -9.33 -47.02 15.47
CA TRP B 189 -10.34 -46.22 16.15
C TRP B 189 -11.71 -46.36 15.50
N ILE B 190 -11.72 -46.32 14.17
CA ILE B 190 -12.96 -46.44 13.42
C ILE B 190 -13.70 -47.74 13.73
N LYS B 191 -12.94 -48.80 13.95
CA LYS B 191 -13.52 -50.10 14.23
C LYS B 191 -14.00 -50.28 15.67
N ARG B 192 -13.38 -49.58 16.62
CA ARG B 192 -13.79 -49.72 18.01
C ARG B 192 -14.68 -48.61 18.54
N ARG B 193 -14.77 -47.49 17.81
CA ARG B 193 -15.59 -46.38 18.25
C ARG B 193 -17.08 -46.75 18.24
N PRO B 194 -17.87 -46.10 19.10
CA PRO B 194 -19.31 -46.38 19.17
C PRO B 194 -19.98 -46.12 17.83
N GLN B 195 -20.91 -46.98 17.44
CA GLN B 195 -21.62 -46.83 16.18
C GLN B 195 -22.81 -45.90 16.34
N THR B 196 -22.72 -44.72 15.73
CA THR B 196 -23.80 -43.74 15.80
C THR B 196 -24.12 -43.22 14.41
N LYS B 197 -25.31 -42.68 14.22
CA LYS B 197 -25.71 -42.16 12.92
C LYS B 197 -24.89 -40.94 12.53
N LEU B 198 -24.67 -40.04 13.49
CA LEU B 198 -23.90 -38.82 13.25
C LEU B 198 -22.66 -38.75 14.14
N PRO C 1 8.15 -10.26 2.53
CA PRO C 1 7.55 -10.69 1.25
C PRO C 1 6.64 -9.61 0.72
N ASN C 2 6.17 -9.80 -0.51
CA ASN C 2 5.23 -8.87 -1.12
C ASN C 2 3.83 -9.39 -0.83
N TYR C 3 3.00 -8.53 -0.26
CA TYR C 3 1.63 -8.88 0.13
C TYR C 3 0.56 -8.12 -0.66
N LYS C 4 -0.44 -8.85 -1.15
CA LYS C 4 -1.55 -8.21 -1.86
C LYS C 4 -2.84 -8.81 -1.31
N LEU C 5 -3.59 -7.99 -0.61
CA LEU C 5 -4.88 -8.39 -0.02
C LEU C 5 -6.00 -7.98 -0.97
N THR C 6 -6.85 -8.94 -1.35
CA THR C 6 -7.97 -8.66 -2.23
C THR C 6 -9.30 -8.88 -1.50
N TYR C 7 -10.15 -7.87 -1.53
CA TYR C 7 -11.47 -7.95 -0.90
C TYR C 7 -12.29 -6.79 -1.46
N PHE C 8 -13.56 -6.73 -1.07
CA PHE C 8 -14.43 -5.65 -1.50
C PHE C 8 -14.00 -4.37 -0.79
N ASN C 9 -14.55 -3.24 -1.20
CA ASN C 9 -14.24 -1.98 -0.53
C ASN C 9 -15.17 -1.90 0.68
N MET C 10 -14.78 -2.62 1.73
CA MET C 10 -15.53 -2.66 2.98
C MET C 10 -14.63 -3.27 4.04
N ARG C 11 -14.99 -3.10 5.31
CA ARG C 11 -14.19 -3.67 6.39
C ARG C 11 -14.41 -5.19 6.31
N GLY C 12 -15.64 -5.60 6.57
CA GLY C 12 -16.00 -7.01 6.49
C GLY C 12 -14.99 -8.00 7.02
N ARG C 13 -14.83 -9.10 6.30
CA ARG C 13 -13.94 -10.17 6.71
C ARG C 13 -12.45 -9.90 6.47
N ALA C 14 -12.13 -8.81 5.77
CA ALA C 14 -10.72 -8.49 5.54
C ALA C 14 -10.15 -7.62 6.64
N GLU C 15 -11.02 -6.91 7.37
CA GLU C 15 -10.54 -5.99 8.38
C GLU C 15 -9.59 -6.56 9.43
N ILE C 16 -9.79 -7.80 9.85
CA ILE C 16 -8.92 -8.38 10.85
C ILE C 16 -7.48 -8.45 10.30
N ILE C 17 -7.35 -8.74 9.01
CA ILE C 17 -6.04 -8.81 8.38
C ILE C 17 -5.45 -7.40 8.30
N ARG C 18 -6.27 -6.42 7.95
CA ARG C 18 -5.79 -5.05 7.87
C ARG C 18 -5.32 -4.51 9.23
N TYR C 19 -6.00 -4.90 10.31
CA TYR C 19 -5.60 -4.46 11.65
C TYR C 19 -4.25 -5.05 11.99
N ILE C 20 -4.05 -6.31 11.63
CA ILE C 20 -2.78 -6.98 11.92
C ILE C 20 -1.62 -6.33 11.17
N PHE C 21 -1.81 -6.05 9.88
CA PHE C 21 -0.75 -5.40 9.12
C PHE C 21 -0.44 -4.04 9.75
N ALA C 22 -1.47 -3.31 10.16
CA ALA C 22 -1.27 -2.00 10.78
C ALA C 22 -0.48 -2.11 12.07
N TYR C 23 -0.92 -3.00 12.96
CA TYR C 23 -0.25 -3.17 14.26
C TYR C 23 1.21 -3.59 14.12
N LEU C 24 1.48 -4.48 13.19
CA LEU C 24 2.83 -4.97 12.96
C LEU C 24 3.68 -4.04 12.09
N ASP C 25 3.05 -2.98 11.59
CA ASP C 25 3.74 -2.00 10.74
C ASP C 25 4.31 -2.67 9.50
N ILE C 26 3.48 -3.45 8.82
CA ILE C 26 3.87 -4.16 7.61
C ILE C 26 3.16 -3.57 6.40
N GLN C 27 3.92 -3.26 5.36
CA GLN C 27 3.33 -2.70 4.15
C GLN C 27 2.67 -3.79 3.32
N TYR C 28 1.60 -3.42 2.64
CA TYR C 28 0.88 -4.38 1.80
C TYR C 28 0.01 -3.62 0.81
N GLU C 29 -0.41 -4.30 -0.26
CA GLU C 29 -1.30 -3.68 -1.24
C GLU C 29 -2.72 -4.00 -0.78
N ASP C 30 -3.46 -2.97 -0.41
CA ASP C 30 -4.84 -3.14 0.03
C ASP C 30 -5.70 -3.02 -1.22
N HIS C 31 -5.85 -4.13 -1.93
CA HIS C 31 -6.62 -4.16 -3.18
C HIS C 31 -8.12 -4.29 -2.92
N ARG C 32 -8.85 -3.21 -3.17
CA ARG C 32 -10.29 -3.16 -2.96
C ARG C 32 -10.99 -3.19 -4.31
N ILE C 33 -11.74 -4.25 -4.56
CA ILE C 33 -12.44 -4.39 -5.82
C ILE C 33 -13.90 -3.97 -5.78
N GLU C 34 -14.36 -3.41 -6.90
CA GLU C 34 -15.75 -3.02 -7.02
C GLU C 34 -16.52 -4.29 -7.30
N GLN C 35 -17.79 -4.31 -6.95
CA GLN C 35 -18.63 -5.47 -7.16
C GLN C 35 -18.55 -6.01 -8.59
N ALA C 36 -18.54 -5.11 -9.57
CA ALA C 36 -18.49 -5.50 -10.97
C ALA C 36 -17.21 -6.24 -11.39
N ASP C 37 -16.12 -6.04 -10.66
CA ASP C 37 -14.86 -6.69 -11.00
C ASP C 37 -14.66 -8.02 -10.28
N TRP C 38 -15.60 -8.38 -9.43
CA TRP C 38 -15.52 -9.63 -8.67
C TRP C 38 -15.70 -10.90 -9.51
N PRO C 39 -16.74 -10.94 -10.36
CA PRO C 39 -16.96 -12.15 -11.18
C PRO C 39 -15.72 -12.69 -11.91
N GLU C 40 -14.97 -11.83 -12.58
CA GLU C 40 -13.80 -12.29 -13.31
C GLU C 40 -12.62 -12.69 -12.42
N ILE C 41 -12.67 -12.30 -11.15
CA ILE C 41 -11.62 -12.68 -10.22
C ILE C 41 -12.03 -13.99 -9.54
N LYS C 42 -13.31 -14.07 -9.21
CA LYS C 42 -13.88 -15.25 -8.55
C LYS C 42 -13.57 -16.53 -9.31
N SER C 43 -13.74 -16.50 -10.63
CA SER C 43 -13.51 -17.68 -11.46
C SER C 43 -12.07 -18.19 -11.46
N THR C 44 -11.14 -17.39 -10.95
CA THR C 44 -9.74 -17.79 -10.91
C THR C 44 -9.31 -18.35 -9.55
N LEU C 45 -10.19 -18.28 -8.57
CA LEU C 45 -9.88 -18.75 -7.23
C LEU C 45 -10.34 -20.18 -6.96
N PRO C 46 -9.47 -21.00 -6.35
CA PRO C 46 -9.83 -22.39 -6.05
C PRO C 46 -11.18 -22.58 -5.35
N PHE C 47 -11.54 -21.69 -4.41
CA PHE C 47 -12.82 -21.83 -3.72
C PHE C 47 -13.79 -20.68 -3.94
N GLY C 48 -13.43 -19.77 -4.85
CA GLY C 48 -14.29 -18.66 -5.21
C GLY C 48 -14.76 -17.69 -4.15
N LYS C 49 -13.95 -17.48 -3.11
CA LYS C 49 -14.32 -16.55 -2.05
C LYS C 49 -13.18 -15.61 -1.68
N ILE C 50 -13.54 -14.46 -1.11
CA ILE C 50 -12.56 -13.50 -0.65
C ILE C 50 -12.89 -13.22 0.82
N PRO C 51 -11.94 -12.66 1.57
CA PRO C 51 -10.59 -12.26 1.18
C PRO C 51 -9.59 -13.34 0.83
N ILE C 52 -8.58 -12.92 0.07
CA ILE C 52 -7.46 -13.78 -0.28
C ILE C 52 -6.25 -12.88 -0.06
N LEU C 53 -5.12 -13.50 0.25
CA LEU C 53 -3.88 -12.74 0.45
C LEU C 53 -2.81 -13.43 -0.38
N GLU C 54 -2.26 -12.71 -1.36
CA GLU C 54 -1.19 -13.25 -2.19
C GLU C 54 0.11 -12.92 -1.47
N VAL C 55 0.92 -13.95 -1.27
CA VAL C 55 2.21 -13.79 -0.59
C VAL C 55 3.30 -14.28 -1.53
N ASP C 56 4.09 -13.35 -2.06
CA ASP C 56 5.15 -13.70 -2.99
C ASP C 56 4.69 -14.67 -4.07
N GLY C 57 3.57 -14.32 -4.71
CA GLY C 57 3.04 -15.12 -5.79
C GLY C 57 2.13 -16.29 -5.46
N LEU C 58 2.04 -16.66 -4.18
CA LEU C 58 1.17 -17.77 -3.77
C LEU C 58 -0.06 -17.23 -3.05
N THR C 59 -1.21 -17.80 -3.38
CA THR C 59 -2.47 -17.33 -2.79
C THR C 59 -2.97 -18.08 -1.56
N LEU C 60 -3.32 -17.30 -0.53
CA LEU C 60 -3.87 -17.84 0.71
C LEU C 60 -5.34 -17.43 0.76
N HIS C 61 -6.19 -18.25 1.37
CA HIS C 61 -7.60 -17.90 1.52
C HIS C 61 -8.03 -18.17 2.95
N GLN C 62 -9.27 -17.78 3.28
CA GLN C 62 -9.87 -17.90 4.61
C GLN C 62 -9.28 -16.83 5.53
N SER C 63 -10.08 -15.81 5.80
CA SER C 63 -9.64 -14.69 6.63
C SER C 63 -8.96 -15.01 7.94
N LEU C 64 -9.52 -15.95 8.71
CA LEU C 64 -8.93 -16.27 10.00
C LEU C 64 -7.66 -17.12 9.88
N ALA C 65 -7.60 -17.93 8.83
CA ALA C 65 -6.41 -18.75 8.59
C ALA C 65 -5.27 -17.77 8.29
N ILE C 66 -5.57 -16.78 7.44
CA ILE C 66 -4.58 -15.76 7.06
C ILE C 66 -4.17 -14.94 8.28
N ALA C 67 -5.15 -14.53 9.08
CA ALA C 67 -4.85 -13.74 10.27
C ALA C 67 -3.91 -14.51 11.19
N ARG C 68 -4.18 -15.80 11.37
CA ARG C 68 -3.34 -16.63 12.23
C ARG C 68 -1.92 -16.72 11.67
N TYR C 69 -1.82 -16.91 10.35
CA TYR C 69 -0.53 -17.00 9.68
C TYR C 69 0.29 -15.72 9.92
N LEU C 70 -0.35 -14.57 9.78
CA LEU C 70 0.33 -13.28 9.96
C LEU C 70 0.76 -12.99 11.39
N THR C 71 0.07 -13.57 12.37
CA THR C 71 0.42 -13.31 13.76
C THR C 71 1.39 -14.32 14.36
N LYS C 72 1.72 -15.36 13.60
CA LYS C 72 2.64 -16.37 14.12
C LYS C 72 3.99 -15.73 14.40
N ASN C 73 4.54 -16.05 15.56
CA ASN C 73 5.84 -15.53 16.00
C ASN C 73 5.79 -14.04 16.31
N THR C 74 4.62 -13.50 16.60
CA THR C 74 4.48 -12.09 16.95
C THR C 74 3.80 -12.03 18.31
N ASP C 75 3.78 -10.85 18.92
CA ASP C 75 3.16 -10.69 20.23
C ASP C 75 1.63 -10.67 20.19
N LEU C 76 1.05 -10.89 19.02
CA LEU C 76 -0.40 -10.89 18.88
C LEU C 76 -1.02 -12.29 18.95
N ALA C 77 -0.18 -13.31 18.83
CA ALA C 77 -0.63 -14.70 18.80
C ALA C 77 -1.11 -15.35 20.10
N GLY C 78 -0.57 -14.90 21.23
CA GLY C 78 -0.92 -15.50 22.51
C GLY C 78 0.42 -15.92 23.09
N ASN C 79 0.58 -15.71 24.39
CA ASN C 79 1.84 -16.00 25.07
C ASN C 79 2.20 -17.42 25.50
N THR C 80 1.22 -18.34 25.46
CA THR C 80 1.49 -19.74 25.80
C THR C 80 0.70 -20.59 24.83
N GLU C 81 1.01 -21.89 24.75
CA GLU C 81 0.29 -22.75 23.83
C GLU C 81 -1.19 -22.79 24.13
N MET C 82 -1.55 -22.84 25.41
CA MET C 82 -2.95 -22.87 25.78
C MET C 82 -3.61 -21.53 25.50
N GLU C 83 -2.90 -20.44 25.74
CA GLU C 83 -3.48 -19.13 25.47
C GLU C 83 -3.71 -18.94 23.98
N GLN C 84 -2.84 -19.53 23.16
CA GLN C 84 -3.01 -19.44 21.72
C GLN C 84 -4.29 -20.20 21.36
N CYS C 85 -4.57 -21.28 22.08
CA CYS C 85 -5.77 -22.06 21.84
C CYS C 85 -6.98 -21.19 22.21
N HIS C 86 -6.89 -20.48 23.33
CA HIS C 86 -7.97 -19.60 23.75
C HIS C 86 -8.20 -18.48 22.76
N VAL C 87 -7.12 -17.96 22.17
CA VAL C 87 -7.26 -16.90 21.18
C VAL C 87 -8.07 -17.46 20.02
N ASP C 88 -7.68 -18.64 19.55
CA ASP C 88 -8.38 -19.29 18.44
C ASP C 88 -9.84 -19.55 18.79
N ALA C 89 -10.09 -20.00 20.00
CA ALA C 89 -11.45 -20.32 20.44
C ALA C 89 -12.36 -19.11 20.50
N ILE C 90 -11.86 -18.01 21.03
CA ILE C 90 -12.65 -16.79 21.11
C ILE C 90 -12.94 -16.28 19.70
N VAL C 91 -11.95 -16.31 18.83
CA VAL C 91 -12.15 -15.87 17.46
C VAL C 91 -13.22 -16.73 16.76
N ASP C 92 -13.17 -18.04 16.95
CA ASP C 92 -14.16 -18.92 16.32
C ASP C 92 -15.54 -18.73 16.92
N THR C 93 -15.61 -18.43 18.21
CA THR C 93 -16.91 -18.22 18.85
C THR C 93 -17.54 -16.95 18.27
N LEU C 94 -16.74 -15.91 18.08
CA LEU C 94 -17.25 -14.67 17.51
C LEU C 94 -17.64 -14.92 16.04
N ASP C 95 -16.75 -15.59 15.31
CA ASP C 95 -17.02 -15.85 13.89
C ASP C 95 -18.25 -16.73 13.70
N ASP C 96 -18.47 -17.69 14.60
CA ASP C 96 -19.65 -18.55 14.49
C ASP C 96 -20.92 -17.70 14.49
N PHE C 97 -20.97 -16.70 15.37
CA PHE C 97 -22.13 -15.84 15.44
C PHE C 97 -22.27 -14.97 14.20
N MET C 98 -21.17 -14.35 13.78
CA MET C 98 -21.21 -13.49 12.60
C MET C 98 -21.70 -14.29 11.38
N SER C 99 -21.28 -15.55 11.29
CA SER C 99 -21.65 -16.39 10.16
C SER C 99 -23.11 -16.82 10.13
N CYS C 100 -23.84 -16.54 11.20
CA CYS C 100 -25.26 -16.91 11.29
C CYS C 100 -26.20 -15.98 10.55
N PHE C 101 -25.74 -14.77 10.26
CA PHE C 101 -26.60 -13.81 9.58
C PHE C 101 -26.85 -14.16 8.12
N PRO C 102 -28.14 -14.21 7.74
CA PRO C 102 -28.64 -14.54 6.40
C PRO C 102 -28.50 -13.45 5.34
N TRP C 103 -27.27 -13.15 4.96
CA TRP C 103 -27.02 -12.13 3.95
C TRP C 103 -27.59 -12.53 2.59
N ALA C 104 -27.73 -13.83 2.38
CA ALA C 104 -28.23 -14.35 1.11
C ALA C 104 -29.76 -14.39 1.03
N GLU C 105 -30.42 -13.40 1.64
CA GLU C 105 -31.87 -13.34 1.62
C GLU C 105 -32.35 -12.22 0.70
N LYS C 106 -32.97 -12.59 -0.41
CA LYS C 106 -33.47 -11.63 -1.39
C LYS C 106 -34.53 -10.67 -0.84
N LYS C 107 -35.42 -11.18 0.01
CA LYS C 107 -36.47 -10.35 0.58
C LYS C 107 -35.92 -9.48 1.70
N GLN C 108 -35.70 -8.20 1.40
CA GLN C 108 -35.16 -7.25 2.36
C GLN C 108 -35.98 -7.21 3.64
N ASP C 109 -37.29 -7.38 3.51
CA ASP C 109 -38.18 -7.37 4.67
C ASP C 109 -37.84 -8.49 5.64
N VAL C 110 -37.85 -9.72 5.13
CA VAL C 110 -37.55 -10.90 5.92
C VAL C 110 -36.12 -10.85 6.44
N LYS C 111 -35.20 -10.41 5.59
CA LYS C 111 -33.78 -10.32 5.94
C LYS C 111 -33.60 -9.45 7.18
N GLU C 112 -34.24 -8.29 7.20
CA GLU C 112 -34.14 -7.37 8.32
C GLU C 112 -34.72 -8.01 9.57
N GLN C 113 -35.84 -8.70 9.42
CA GLN C 113 -36.50 -9.37 10.54
C GLN C 113 -35.54 -10.39 11.17
N MET C 114 -34.92 -11.20 10.31
CA MET C 114 -34.00 -12.23 10.77
C MET C 114 -32.80 -11.61 11.50
N PHE C 115 -32.27 -10.52 10.95
CA PHE C 115 -31.15 -9.85 11.58
C PHE C 115 -31.57 -9.35 12.96
N ASN C 116 -32.75 -8.72 13.03
CA ASN C 116 -33.24 -8.21 14.29
C ASN C 116 -33.48 -9.30 15.33
N GLU C 117 -33.95 -10.46 14.88
CA GLU C 117 -34.19 -11.57 15.80
C GLU C 117 -32.87 -12.11 16.34
N LEU C 118 -31.86 -12.21 15.49
CA LEU C 118 -30.56 -12.71 15.93
C LEU C 118 -29.94 -11.75 16.95
N LEU C 119 -30.08 -10.46 16.70
CA LEU C 119 -29.51 -9.44 17.58
C LEU C 119 -30.27 -9.26 18.89
N THR C 120 -31.54 -9.62 18.90
CA THR C 120 -32.36 -9.47 20.11
C THR C 120 -32.45 -10.75 20.94
N TYR C 121 -32.62 -11.89 20.27
CA TYR C 121 -32.77 -13.16 20.98
C TYR C 121 -31.49 -13.96 21.19
N ASN C 122 -30.52 -13.83 20.29
CA ASN C 122 -29.29 -14.61 20.44
C ASN C 122 -28.07 -13.84 20.92
N ALA C 123 -27.85 -12.65 20.36
CA ALA C 123 -26.69 -11.85 20.74
C ALA C 123 -26.52 -11.63 22.25
N PRO C 124 -27.61 -11.33 22.96
CA PRO C 124 -27.47 -11.11 24.41
C PRO C 124 -26.75 -12.21 25.17
N HIS C 125 -27.00 -13.46 24.80
CA HIS C 125 -26.37 -14.59 25.47
C HIS C 125 -24.87 -14.61 25.21
N LEU C 126 -24.48 -14.26 23.99
CA LEU C 126 -23.07 -14.24 23.64
C LEU C 126 -22.36 -13.09 24.34
N MET C 127 -23.00 -11.92 24.39
CA MET C 127 -22.40 -10.78 25.04
C MET C 127 -22.18 -11.07 26.51
N GLN C 128 -23.16 -11.71 27.15
CA GLN C 128 -23.03 -12.03 28.56
C GLN C 128 -21.88 -13.00 28.78
N ASP C 129 -21.79 -14.03 27.94
CA ASP C 129 -20.72 -15.01 28.08
C ASP C 129 -19.35 -14.34 27.89
N LEU C 130 -19.25 -13.43 26.93
CA LEU C 130 -17.99 -12.73 26.69
C LEU C 130 -17.63 -11.83 27.86
N ASP C 131 -18.63 -11.13 28.40
CA ASP C 131 -18.40 -10.25 29.53
C ASP C 131 -17.93 -11.06 30.74
N THR C 132 -18.59 -12.19 30.99
CA THR C 132 -18.22 -13.04 32.12
C THR C 132 -16.81 -13.59 31.90
N TYR C 133 -16.51 -13.98 30.67
CA TYR C 133 -15.21 -14.52 30.34
C TYR C 133 -14.10 -13.49 30.58
N LEU C 134 -14.37 -12.24 30.20
CA LEU C 134 -13.39 -11.17 30.37
C LEU C 134 -13.18 -10.82 31.83
N GLY C 135 -14.27 -10.80 32.60
CA GLY C 135 -14.17 -10.45 34.00
C GLY C 135 -13.55 -9.07 34.17
N GLY C 136 -12.70 -8.92 35.17
CA GLY C 136 -12.06 -7.64 35.40
C GLY C 136 -10.68 -7.52 34.76
N ARG C 137 -10.40 -8.38 33.79
CA ARG C 137 -9.11 -8.36 33.11
C ARG C 137 -9.00 -7.28 32.04
N GLU C 138 -7.76 -6.94 31.70
CA GLU C 138 -7.46 -5.92 30.70
C GLU C 138 -7.77 -6.36 29.28
N TRP C 139 -7.37 -7.59 28.95
CA TRP C 139 -7.59 -8.13 27.61
C TRP C 139 -8.29 -9.48 27.71
N LEU C 140 -8.86 -9.93 26.60
CA LEU C 140 -9.56 -11.21 26.58
C LEU C 140 -8.69 -12.39 26.98
N ILE C 141 -7.48 -12.45 26.45
CA ILE C 141 -6.56 -13.54 26.78
C ILE C 141 -5.20 -12.99 27.23
N GLY C 142 -4.68 -13.53 28.33
CA GLY C 142 -3.39 -13.11 28.82
C GLY C 142 -3.32 -11.71 29.38
N MET C 143 -2.13 -11.13 29.40
CA MET C 143 -1.94 -9.78 29.94
C MET C 143 -1.51 -8.76 28.88
N SER C 144 -1.68 -9.12 27.61
CA SER C 144 -1.33 -8.22 26.52
C SER C 144 -2.35 -8.42 25.40
N VAL C 145 -2.47 -7.44 24.52
CA VAL C 145 -3.43 -7.53 23.43
C VAL C 145 -3.11 -8.68 22.45
N THR C 146 -4.17 -9.32 21.95
CA THR C 146 -3.99 -10.41 20.98
C THR C 146 -4.95 -10.09 19.85
N TRP C 147 -4.85 -10.84 18.74
CA TRP C 147 -5.76 -10.56 17.64
C TRP C 147 -7.20 -10.92 17.97
N ALA C 148 -7.41 -11.60 19.10
CA ALA C 148 -8.76 -11.93 19.53
C ALA C 148 -9.43 -10.62 19.97
N ASP C 149 -8.66 -9.75 20.63
CA ASP C 149 -9.18 -8.45 21.04
C ASP C 149 -9.51 -7.64 19.79
N PHE C 150 -8.65 -7.74 18.78
CA PHE C 150 -8.88 -7.04 17.52
C PHE C 150 -10.20 -7.52 16.91
N TYR C 151 -10.39 -8.83 16.87
CA TYR C 151 -11.61 -9.37 16.27
C TYR C 151 -12.85 -8.96 17.03
N TRP C 152 -12.75 -8.89 18.35
CA TRP C 152 -13.89 -8.45 19.14
C TRP C 152 -14.27 -7.03 18.74
N GLU C 153 -13.27 -6.15 18.64
CA GLU C 153 -13.56 -4.77 18.28
C GLU C 153 -14.16 -4.65 16.89
N ILE C 154 -13.63 -5.43 15.95
CA ILE C 154 -14.10 -5.41 14.57
C ILE C 154 -15.53 -5.93 14.47
N CYS C 155 -15.80 -7.08 15.09
CA CYS C 155 -17.14 -7.66 15.04
C CYS C 155 -18.16 -6.77 15.73
N SER C 156 -17.84 -6.30 16.92
CA SER C 156 -18.77 -5.45 17.65
C SER C 156 -19.04 -4.12 16.95
N THR C 157 -18.05 -3.56 16.27
CA THR C 157 -18.28 -2.31 15.55
C THR C 157 -19.37 -2.46 14.49
N THR C 158 -19.34 -3.55 13.75
CA THR C 158 -20.37 -3.77 12.75
C THR C 158 -21.72 -4.18 13.36
N LEU C 159 -21.69 -4.97 14.43
CA LEU C 159 -22.95 -5.35 15.07
C LEU C 159 -23.64 -4.11 15.64
N LEU C 160 -22.84 -3.19 16.18
CA LEU C 160 -23.37 -1.95 16.75
C LEU C 160 -24.10 -1.10 15.73
N VAL C 161 -23.76 -1.27 14.45
CA VAL C 161 -24.43 -0.51 13.40
C VAL C 161 -25.89 -0.95 13.34
N PHE C 162 -26.11 -2.25 13.48
CA PHE C 162 -27.45 -2.82 13.42
C PHE C 162 -28.18 -2.83 14.78
N LYS C 163 -27.41 -2.85 15.85
CA LYS C 163 -27.98 -2.89 17.20
C LYS C 163 -27.20 -1.94 18.11
N PRO C 164 -27.49 -0.63 18.01
CA PRO C 164 -26.79 0.38 18.83
C PRO C 164 -26.67 0.09 20.32
N ASP C 165 -27.70 -0.52 20.92
CA ASP C 165 -27.66 -0.82 22.35
C ASP C 165 -27.07 -2.16 22.74
N LEU C 166 -26.43 -2.81 21.78
CA LEU C 166 -25.81 -4.12 22.00
C LEU C 166 -25.03 -4.26 23.31
N LEU C 167 -24.25 -3.24 23.65
CA LEU C 167 -23.43 -3.31 24.85
C LEU C 167 -23.83 -2.41 26.01
N ASP C 168 -25.07 -1.95 26.01
CA ASP C 168 -25.51 -1.08 27.10
C ASP C 168 -25.47 -1.76 28.47
N ASN C 169 -25.54 -3.09 28.48
CA ASN C 169 -25.49 -3.84 29.74
C ASN C 169 -24.08 -4.37 30.00
N HIS C 170 -23.13 -4.05 29.12
CA HIS C 170 -21.77 -4.54 29.29
C HIS C 170 -20.68 -3.50 29.09
N PRO C 171 -20.57 -2.56 30.03
CA PRO C 171 -19.56 -1.50 29.95
C PRO C 171 -18.12 -1.99 29.84
N ARG C 172 -17.83 -3.15 30.44
CA ARG C 172 -16.48 -3.69 30.38
C ARG C 172 -16.10 -4.10 28.96
N LEU C 173 -17.09 -4.49 28.17
CA LEU C 173 -16.82 -4.87 26.77
C LEU C 173 -16.59 -3.60 25.95
N VAL C 174 -17.23 -2.51 26.37
CA VAL C 174 -17.08 -1.23 25.69
C VAL C 174 -15.68 -0.70 26.01
N THR C 175 -15.25 -0.86 27.26
CA THR C 175 -13.92 -0.41 27.65
C THR C 175 -12.86 -1.15 26.84
N LEU C 176 -13.08 -2.42 26.58
CA LEU C 176 -12.14 -3.21 25.80
C LEU C 176 -12.07 -2.65 24.38
N ARG C 177 -13.23 -2.34 23.80
CA ARG C 177 -13.26 -1.77 22.46
C ARG C 177 -12.42 -0.49 22.40
N LYS C 178 -12.60 0.38 23.40
CA LYS C 178 -11.86 1.64 23.46
C LYS C 178 -10.36 1.42 23.59
N LYS C 179 -9.97 0.40 24.34
CA LYS C 179 -8.55 0.09 24.52
C LYS C 179 -7.91 -0.32 23.19
N VAL C 180 -8.62 -1.15 22.43
CA VAL C 180 -8.11 -1.58 21.13
C VAL C 180 -8.00 -0.36 20.21
N GLN C 181 -9.05 0.46 20.21
CA GLN C 181 -9.11 1.64 19.37
C GLN C 181 -8.08 2.70 19.74
N ALA C 182 -7.55 2.62 20.97
CA ALA C 182 -6.55 3.58 21.44
C ALA C 182 -5.11 3.19 21.10
N ILE C 183 -4.88 1.95 20.70
CA ILE C 183 -3.53 1.53 20.34
C ILE C 183 -3.11 2.41 19.15
N PRO C 184 -2.00 3.17 19.29
CA PRO C 184 -1.52 4.05 18.23
C PRO C 184 -1.61 3.56 16.78
N ALA C 185 -1.02 2.42 16.49
CA ALA C 185 -1.05 1.88 15.13
C ALA C 185 -2.48 1.60 14.68
N VAL C 186 -3.29 1.08 15.60
CA VAL C 186 -4.67 0.78 15.27
C VAL C 186 -5.48 2.06 15.12
N ALA C 187 -5.29 3.02 16.03
CA ALA C 187 -6.00 4.28 15.96
C ALA C 187 -5.72 4.98 14.63
N ASN C 188 -4.47 4.92 14.19
CA ASN C 188 -4.08 5.55 12.93
C ASN C 188 -4.80 4.91 11.75
N TRP C 189 -4.91 3.59 11.76
CA TRP C 189 -5.60 2.90 10.67
C TRP C 189 -7.08 3.23 10.65
N ILE C 190 -7.70 3.20 11.83
CA ILE C 190 -9.12 3.50 11.95
C ILE C 190 -9.47 4.89 11.42
N LYS C 191 -8.57 5.84 11.65
CA LYS C 191 -8.80 7.21 11.21
C LYS C 191 -8.60 7.41 9.71
N ARG C 192 -7.67 6.66 9.13
CA ARG C 192 -7.34 6.80 7.71
C ARG C 192 -8.04 5.86 6.73
N ARG C 193 -8.53 4.72 7.20
CA ARG C 193 -9.17 3.76 6.32
C ARG C 193 -10.39 4.33 5.60
N PRO C 194 -10.72 3.77 4.43
CA PRO C 194 -11.89 4.25 3.68
C PRO C 194 -13.13 4.06 4.55
N GLN C 195 -14.02 5.04 4.54
CA GLN C 195 -15.24 4.96 5.34
C GLN C 195 -16.32 4.19 4.58
N THR C 196 -16.68 3.03 5.11
CA THR C 196 -17.69 2.19 4.49
C THR C 196 -18.71 1.75 5.53
N LYS C 197 -19.91 1.38 5.08
CA LYS C 197 -20.95 0.97 6.00
C LYS C 197 -20.56 -0.31 6.74
N LEU C 198 -20.17 -1.32 5.98
CA LEU C 198 -19.78 -2.60 6.53
C LEU C 198 -18.29 -2.87 6.34
N PRO D 1 26.81 0.54 -20.00
CA PRO D 1 27.81 0.70 -18.92
C PRO D 1 27.29 -0.01 -17.68
N ASN D 2 28.01 0.13 -16.58
CA ASN D 2 27.57 -0.44 -15.31
C ASN D 2 26.89 0.69 -14.55
N TYR D 3 25.66 0.41 -14.10
CA TYR D 3 24.86 1.40 -13.39
C TYR D 3 24.60 1.02 -11.94
N LYS D 4 24.77 1.98 -11.03
CA LYS D 4 24.47 1.73 -9.63
C LYS D 4 23.65 2.91 -9.11
N LEU D 5 22.38 2.65 -8.83
CA LEU D 5 21.48 3.68 -8.31
C LEU D 5 21.45 3.61 -6.79
N THR D 6 21.69 4.74 -6.12
CA THR D 6 21.67 4.77 -4.67
C THR D 6 20.55 5.69 -4.17
N TYR D 7 19.70 5.15 -3.30
CA TYR D 7 18.61 5.91 -2.71
C TYR D 7 18.14 5.14 -1.48
N PHE D 8 17.17 5.69 -0.76
CA PHE D 8 16.62 5.02 0.40
C PHE D 8 15.74 3.87 -0.09
N ASN D 9 15.29 3.03 0.84
CA ASN D 9 14.40 1.94 0.45
C ASN D 9 12.99 2.51 0.38
N MET D 10 12.72 3.22 -0.71
CA MET D 10 11.43 3.82 -0.96
C MET D 10 11.35 4.20 -2.43
N ARG D 11 10.14 4.45 -2.91
CA ARG D 11 9.96 4.85 -4.30
C ARG D 11 10.55 6.26 -4.41
N GLY D 12 9.89 7.20 -3.75
CA GLY D 12 10.36 8.58 -3.73
C GLY D 12 10.90 9.15 -5.02
N ARG D 13 12.01 9.89 -4.91
CA ARG D 13 12.61 10.53 -6.07
C ARG D 13 13.42 9.62 -6.98
N ALA D 14 13.63 8.38 -6.57
CA ALA D 14 14.40 7.45 -7.40
C ALA D 14 13.47 6.66 -8.32
N GLU D 15 12.18 6.62 -8.00
CA GLU D 15 11.27 5.80 -8.78
C GLU D 15 11.22 6.12 -10.27
N ILE D 16 11.31 7.39 -10.64
CA ILE D 16 11.28 7.72 -12.05
C ILE D 16 12.44 7.04 -12.79
N ILE D 17 13.60 6.98 -12.14
CA ILE D 17 14.78 6.33 -12.74
C ILE D 17 14.53 4.82 -12.86
N ARG D 18 13.97 4.23 -11.80
CA ARG D 18 13.67 2.80 -11.81
C ARG D 18 12.66 2.43 -12.93
N TYR D 19 11.68 3.29 -13.17
CA TYR D 19 10.69 3.02 -14.23
C TYR D 19 11.37 3.04 -15.58
N ILE D 20 12.28 3.99 -15.77
CA ILE D 20 12.98 4.11 -17.05
C ILE D 20 13.84 2.88 -17.31
N PHE D 21 14.60 2.44 -16.31
CA PHE D 21 15.41 1.24 -16.47
C PHE D 21 14.51 0.05 -16.83
N ALA D 22 13.36 -0.06 -16.17
CA ALA D 22 12.45 -1.17 -16.45
C ALA D 22 11.91 -1.13 -17.87
N TYR D 23 11.41 0.02 -18.28
CA TYR D 23 10.85 0.18 -19.61
C TYR D 23 11.85 -0.12 -20.70
N LEU D 24 13.08 0.37 -20.51
CA LEU D 24 14.14 0.18 -21.48
C LEU D 24 14.84 -1.18 -21.37
N ASP D 25 14.45 -1.97 -20.37
CA ASP D 25 15.02 -3.29 -20.15
C ASP D 25 16.53 -3.21 -19.94
N ILE D 26 16.94 -2.34 -19.04
CA ILE D 26 18.35 -2.13 -18.71
C ILE D 26 18.65 -2.62 -17.29
N GLN D 27 19.70 -3.42 -17.14
CA GLN D 27 20.07 -3.93 -15.83
C GLN D 27 20.82 -2.86 -15.06
N TYR D 28 20.64 -2.86 -13.74
CA TYR D 28 21.31 -1.89 -12.88
C TYR D 28 21.28 -2.40 -11.45
N GLU D 29 22.16 -1.86 -10.62
CA GLU D 29 22.19 -2.25 -9.21
C GLU D 29 21.28 -1.26 -8.48
N ASP D 30 20.18 -1.78 -7.94
CA ASP D 30 19.22 -0.95 -7.20
C ASP D 30 19.68 -0.95 -5.75
N HIS D 31 20.63 -0.07 -5.44
CA HIS D 31 21.18 0.02 -4.09
C HIS D 31 20.28 0.83 -3.17
N ARG D 32 19.63 0.14 -2.22
CA ARG D 32 18.75 0.78 -1.26
C ARG D 32 19.40 0.81 0.10
N ILE D 33 19.66 2.01 0.60
CA ILE D 33 20.32 2.17 1.89
C ILE D 33 19.38 2.44 3.05
N GLU D 34 19.74 1.93 4.21
CA GLU D 34 18.96 2.15 5.41
C GLU D 34 19.35 3.52 5.94
N GLN D 35 18.43 4.17 6.65
CA GLN D 35 18.71 5.50 7.18
C GLN D 35 20.05 5.58 7.90
N ALA D 36 20.38 4.56 8.68
CA ALA D 36 21.64 4.55 9.42
C ALA D 36 22.90 4.62 8.56
N ASP D 37 22.81 4.10 7.33
CA ASP D 37 23.97 4.11 6.44
C ASP D 37 24.08 5.34 5.55
N TRP D 38 23.14 6.26 5.68
CA TRP D 38 23.14 7.48 4.88
C TRP D 38 24.21 8.50 5.27
N PRO D 39 24.37 8.79 6.58
CA PRO D 39 25.38 9.76 7.00
C PRO D 39 26.78 9.59 6.40
N GLU D 40 27.31 8.38 6.44
CA GLU D 40 28.65 8.14 5.91
C GLU D 40 28.74 8.20 4.38
N ILE D 41 27.61 8.07 3.71
CA ILE D 41 27.59 8.15 2.26
C ILE D 41 27.43 9.62 1.88
N LYS D 42 26.54 10.30 2.61
CA LYS D 42 26.26 11.71 2.38
C LYS D 42 27.52 12.56 2.32
N SER D 43 28.43 12.33 3.26
CA SER D 43 29.68 13.10 3.33
C SER D 43 30.59 12.94 2.11
N THR D 44 30.36 11.91 1.30
CA THR D 44 31.20 11.69 0.14
C THR D 44 30.62 12.30 -1.13
N LEU D 45 29.40 12.81 -1.06
CA LEU D 45 28.75 13.38 -2.22
C LEU D 45 28.90 14.90 -2.28
N PRO D 46 29.24 15.43 -3.47
CA PRO D 46 29.43 16.86 -3.70
C PRO D 46 28.29 17.74 -3.17
N PHE D 47 27.05 17.30 -3.32
CA PHE D 47 25.93 18.10 -2.83
C PHE D 47 25.12 17.46 -1.71
N GLY D 48 25.61 16.33 -1.23
CA GLY D 48 24.98 15.63 -0.12
C GLY D 48 23.53 15.21 -0.25
N LYS D 49 23.08 14.89 -1.46
CA LYS D 49 21.70 14.47 -1.66
C LYS D 49 21.61 13.23 -2.54
N ILE D 50 20.51 12.50 -2.38
CA ILE D 50 20.26 11.31 -3.20
C ILE D 50 18.87 11.52 -3.81
N PRO D 51 18.56 10.77 -4.87
CA PRO D 51 19.36 9.76 -5.56
C PRO D 51 20.59 10.21 -6.32
N ILE D 52 21.49 9.27 -6.51
CA ILE D 52 22.68 9.46 -7.31
C ILE D 52 22.73 8.21 -8.18
N LEU D 53 23.33 8.34 -9.36
CA LEU D 53 23.48 7.21 -10.26
C LEU D 53 24.93 7.18 -10.68
N GLU D 54 25.61 6.10 -10.36
CA GLU D 54 27.00 5.95 -10.74
C GLU D 54 26.99 5.25 -12.09
N VAL D 55 27.68 5.84 -13.05
CA VAL D 55 27.76 5.30 -14.40
C VAL D 55 29.23 5.07 -14.74
N ASP D 56 29.63 3.79 -14.79
CA ASP D 56 31.02 3.45 -15.08
C ASP D 56 32.01 4.28 -14.25
N GLY D 57 31.78 4.31 -12.95
CA GLY D 57 32.67 5.03 -12.05
C GLY D 57 32.47 6.51 -11.83
N LEU D 58 31.60 7.13 -12.63
CA LEU D 58 31.31 8.55 -12.50
C LEU D 58 29.93 8.77 -11.91
N THR D 59 29.84 9.69 -10.96
CA THR D 59 28.58 9.95 -10.27
C THR D 59 27.72 11.09 -10.83
N LEU D 60 26.44 10.77 -11.04
CA LEU D 60 25.48 11.75 -11.52
C LEU D 60 24.51 12.01 -10.37
N HIS D 61 23.97 13.22 -10.29
CA HIS D 61 23.00 13.53 -9.24
C HIS D 61 21.80 14.26 -9.86
N GLN D 62 20.78 14.49 -9.04
CA GLN D 62 19.51 15.14 -9.43
C GLN D 62 18.66 14.16 -10.24
N SER D 63 17.61 13.67 -9.60
CA SER D 63 16.74 12.66 -10.21
C SER D 63 16.24 12.95 -11.61
N LEU D 64 15.77 14.17 -11.87
CA LEU D 64 15.24 14.49 -13.19
C LEU D 64 16.33 14.67 -14.23
N ALA D 65 17.49 15.13 -13.79
CA ALA D 65 18.63 15.30 -14.70
C ALA D 65 19.04 13.88 -15.14
N ILE D 66 19.06 12.97 -14.18
CA ILE D 66 19.44 11.58 -14.47
C ILE D 66 18.38 10.93 -15.37
N ALA D 67 17.10 11.16 -15.07
CA ALA D 67 16.04 10.58 -15.89
C ALA D 67 16.17 11.05 -17.33
N ARG D 68 16.42 12.34 -17.52
CA ARG D 68 16.57 12.89 -18.87
C ARG D 68 17.75 12.25 -19.58
N TYR D 69 18.86 12.08 -18.87
CA TYR D 69 20.05 11.47 -19.43
C TYR D 69 19.74 10.05 -19.94
N LEU D 70 19.05 9.27 -19.12
CA LEU D 70 18.71 7.89 -19.48
C LEU D 70 17.73 7.76 -20.63
N THR D 71 16.89 8.78 -20.84
CA THR D 71 15.92 8.69 -21.93
C THR D 71 16.39 9.29 -23.24
N LYS D 72 17.56 9.90 -23.24
CA LYS D 72 18.05 10.49 -24.48
C LYS D 72 18.26 9.44 -25.56
N ASN D 73 17.79 9.76 -26.75
CA ASN D 73 17.90 8.87 -27.90
C ASN D 73 17.02 7.63 -27.76
N THR D 74 15.98 7.72 -26.93
CA THR D 74 15.05 6.61 -26.75
C THR D 74 13.65 7.13 -27.06
N ASP D 75 12.69 6.22 -27.16
CA ASP D 75 11.30 6.59 -27.47
C ASP D 75 10.57 7.27 -26.32
N LEU D 76 11.22 7.37 -25.15
CA LEU D 76 10.60 8.00 -24.00
C LEU D 76 10.87 9.50 -23.88
N ALA D 77 11.83 10.01 -24.65
CA ALA D 77 12.21 11.42 -24.56
C ALA D 77 11.27 12.47 -25.14
N GLY D 78 10.53 12.10 -26.18
CA GLY D 78 9.65 13.04 -26.84
C GLY D 78 10.05 12.96 -28.31
N ASN D 79 9.06 13.01 -29.21
CA ASN D 79 9.30 12.86 -30.63
C ASN D 79 9.80 14.06 -31.45
N THR D 80 9.72 15.26 -30.90
CA THR D 80 10.21 16.46 -31.59
C THR D 80 10.91 17.32 -30.57
N GLU D 81 11.69 18.31 -31.02
CA GLU D 81 12.39 19.16 -30.08
C GLU D 81 11.39 19.91 -29.20
N MET D 82 10.28 20.33 -29.80
CA MET D 82 9.26 21.04 -29.05
C MET D 82 8.58 20.11 -28.05
N GLU D 83 8.31 18.89 -28.46
CA GLU D 83 7.65 17.94 -27.57
C GLU D 83 8.59 17.57 -26.42
N GLN D 84 9.89 17.56 -26.68
CA GLN D 84 10.84 17.26 -25.61
C GLN D 84 10.78 18.39 -24.60
N CYS D 85 10.51 19.61 -25.06
CA CYS D 85 10.41 20.74 -24.16
C CYS D 85 9.16 20.56 -23.31
N HIS D 86 8.06 20.14 -23.93
CA HIS D 86 6.83 19.94 -23.19
C HIS D 86 6.98 18.84 -22.15
N VAL D 87 7.74 17.80 -22.48
CA VAL D 87 7.98 16.71 -21.53
C VAL D 87 8.69 17.29 -20.31
N ASP D 88 9.75 18.06 -20.55
CA ASP D 88 10.51 18.68 -19.48
C ASP D 88 9.62 19.61 -18.65
N ALA D 89 8.79 20.39 -19.35
CA ALA D 89 7.92 21.34 -18.67
C ALA D 89 6.88 20.67 -17.80
N ILE D 90 6.26 19.60 -18.28
CA ILE D 90 5.26 18.90 -17.47
C ILE D 90 5.94 18.29 -16.25
N VAL D 91 7.11 17.68 -16.45
CA VAL D 91 7.85 17.09 -15.34
C VAL D 91 8.20 18.13 -14.28
N ASP D 92 8.66 19.31 -14.71
CA ASP D 92 9.00 20.36 -13.74
C ASP D 92 7.77 20.92 -13.04
N THR D 93 6.65 20.96 -13.74
CA THR D 93 5.41 21.47 -13.13
C THR D 93 4.99 20.49 -12.03
N LEU D 94 5.13 19.20 -12.29
CA LEU D 94 4.78 18.21 -11.29
C LEU D 94 5.77 18.28 -10.13
N ASP D 95 7.06 18.34 -10.47
CA ASP D 95 8.08 18.38 -9.45
C ASP D 95 7.99 19.63 -8.59
N ASP D 96 7.59 20.75 -9.19
CA ASP D 96 7.45 22.00 -8.45
C ASP D 96 6.44 21.80 -7.31
N PHE D 97 5.34 21.12 -7.60
CA PHE D 97 4.32 20.89 -6.58
C PHE D 97 4.80 19.91 -5.52
N MET D 98 5.40 18.82 -5.94
CA MET D 98 5.90 17.82 -5.00
C MET D 98 6.91 18.46 -4.04
N SER D 99 7.73 19.35 -4.56
CA SER D 99 8.76 20.02 -3.76
C SER D 99 8.23 21.00 -2.72
N CYS D 100 6.94 21.35 -2.81
CA CYS D 100 6.31 22.30 -1.89
C CYS D 100 6.03 21.72 -0.51
N PHE D 101 5.93 20.39 -0.43
CA PHE D 101 5.61 19.76 0.85
C PHE D 101 6.74 19.86 1.86
N PRO D 102 6.43 20.39 3.06
CA PRO D 102 7.34 20.60 4.20
C PRO D 102 7.71 19.35 4.99
N TRP D 103 8.49 18.47 4.36
CA TRP D 103 8.92 17.24 5.04
C TRP D 103 9.83 17.51 6.21
N ALA D 104 10.43 18.70 6.25
CA ALA D 104 11.35 19.06 7.32
C ALA D 104 10.66 19.56 8.58
N GLU D 105 9.34 19.71 8.53
CA GLU D 105 8.59 20.20 9.69
C GLU D 105 8.84 19.33 10.92
N LYS D 106 8.99 19.99 12.07
CA LYS D 106 9.23 19.31 13.33
C LYS D 106 7.96 18.70 13.94
N LYS D 107 6.97 19.55 14.20
CA LYS D 107 5.71 19.09 14.77
C LYS D 107 4.92 18.26 13.78
N GLN D 108 4.77 16.97 14.07
CA GLN D 108 4.03 16.07 13.19
C GLN D 108 2.62 16.58 12.98
N ASP D 109 2.05 17.19 14.01
CA ASP D 109 0.70 17.73 13.95
C ASP D 109 0.63 18.83 12.90
N VAL D 110 1.54 19.79 13.02
CA VAL D 110 1.61 20.92 12.08
C VAL D 110 1.94 20.44 10.68
N LYS D 111 2.79 19.42 10.60
CA LYS D 111 3.20 18.84 9.34
C LYS D 111 2.01 18.31 8.58
N GLU D 112 1.16 17.54 9.25
CA GLU D 112 -0.03 16.97 8.64
C GLU D 112 -0.97 18.07 8.20
N GLN D 113 -1.07 19.12 9.01
CA GLN D 113 -1.94 20.26 8.70
C GLN D 113 -1.52 20.89 7.37
N MET D 114 -0.22 21.14 7.23
CA MET D 114 0.30 21.75 6.00
C MET D 114 0.09 20.86 4.79
N PHE D 115 0.30 19.55 4.97
CA PHE D 115 0.10 18.60 3.89
C PHE D 115 -1.36 18.63 3.44
N ASN D 116 -2.26 18.61 4.41
CA ASN D 116 -3.68 18.63 4.10
C ASN D 116 -4.12 19.92 3.41
N GLU D 117 -3.53 21.04 3.80
CA GLU D 117 -3.87 22.31 3.18
C GLU D 117 -3.37 22.34 1.73
N LEU D 118 -2.17 21.84 1.49
CA LEU D 118 -1.65 21.81 0.13
C LEU D 118 -2.50 20.93 -0.78
N LEU D 119 -2.92 19.78 -0.24
CA LEU D 119 -3.71 18.83 -1.01
C LEU D 119 -5.17 19.28 -1.23
N THR D 120 -5.67 20.11 -0.33
CA THR D 120 -7.04 20.60 -0.45
C THR D 120 -7.18 21.93 -1.18
N TYR D 121 -6.30 22.88 -0.87
CA TYR D 121 -6.36 24.21 -1.47
C TYR D 121 -5.54 24.43 -2.74
N ASN D 122 -4.44 23.70 -2.88
CA ASN D 122 -3.59 23.90 -4.06
C ASN D 122 -3.65 22.81 -5.11
N ALA D 123 -3.61 21.56 -4.69
CA ALA D 123 -3.65 20.44 -5.62
C ALA D 123 -4.79 20.49 -6.65
N PRO D 124 -6.01 20.87 -6.22
CA PRO D 124 -7.12 20.93 -7.18
C PRO D 124 -6.86 21.76 -8.43
N HIS D 125 -6.15 22.87 -8.27
CA HIS D 125 -5.86 23.74 -9.40
C HIS D 125 -4.90 23.07 -10.37
N LEU D 126 -3.94 22.33 -9.83
CA LEU D 126 -2.97 21.62 -10.66
C LEU D 126 -3.66 20.46 -11.37
N MET D 127 -4.48 19.73 -10.65
CA MET D 127 -5.18 18.61 -11.26
C MET D 127 -6.05 19.11 -12.41
N GLN D 128 -6.75 20.22 -12.21
CA GLN D 128 -7.59 20.74 -13.28
C GLN D 128 -6.77 21.16 -14.48
N ASP D 129 -5.63 21.81 -14.26
CA ASP D 129 -4.78 22.23 -15.37
C ASP D 129 -4.23 21.03 -16.14
N LEU D 130 -3.88 19.97 -15.42
CA LEU D 130 -3.34 18.77 -16.06
C LEU D 130 -4.41 18.08 -16.89
N ASP D 131 -5.62 18.00 -16.33
CA ASP D 131 -6.74 17.37 -17.02
C ASP D 131 -7.06 18.14 -18.30
N THR D 132 -7.13 19.45 -18.19
CA THR D 132 -7.42 20.31 -19.35
C THR D 132 -6.31 20.14 -20.38
N TYR D 133 -5.06 20.09 -19.91
CA TYR D 133 -3.92 19.93 -20.78
C TYR D 133 -3.96 18.61 -21.56
N LEU D 134 -4.35 17.55 -20.88
CA LEU D 134 -4.43 16.22 -21.48
C LEU D 134 -5.59 16.12 -22.47
N GLY D 135 -6.73 16.70 -22.11
CA GLY D 135 -7.88 16.64 -22.99
C GLY D 135 -8.28 15.20 -23.25
N GLY D 136 -8.64 14.91 -24.48
CA GLY D 136 -9.03 13.54 -24.82
C GLY D 136 -7.92 12.72 -25.45
N ARG D 137 -6.67 13.18 -25.30
CA ARG D 137 -5.53 12.47 -25.87
C ARG D 137 -5.14 11.25 -25.02
N GLU D 138 -4.40 10.32 -25.62
CA GLU D 138 -3.98 9.12 -24.92
C GLU D 138 -2.85 9.36 -23.92
N TRP D 139 -1.88 10.19 -24.30
CA TRP D 139 -0.73 10.50 -23.45
C TRP D 139 -0.58 12.01 -23.29
N LEU D 140 0.15 12.43 -22.26
CA LEU D 140 0.35 13.86 -22.01
C LEU D 140 1.01 14.58 -23.18
N ILE D 141 2.04 13.99 -23.76
CA ILE D 141 2.74 14.60 -24.89
C ILE D 141 2.84 13.65 -26.07
N GLY D 142 2.47 14.13 -27.26
CA GLY D 142 2.56 13.31 -28.46
C GLY D 142 1.59 12.15 -28.55
N MET D 143 1.94 11.16 -29.38
CA MET D 143 1.09 9.99 -29.56
C MET D 143 1.67 8.71 -28.99
N SER D 144 2.68 8.84 -28.13
CA SER D 144 3.28 7.68 -27.50
C SER D 144 3.69 8.06 -26.08
N VAL D 145 3.87 7.06 -25.24
CA VAL D 145 4.24 7.30 -23.84
C VAL D 145 5.61 7.98 -23.73
N THR D 146 5.74 8.89 -22.76
CA THR D 146 7.01 9.55 -22.51
C THR D 146 7.26 9.45 -21.02
N TRP D 147 8.44 9.86 -20.58
CA TRP D 147 8.71 9.74 -19.14
C TRP D 147 7.89 10.75 -18.33
N ALA D 148 7.21 11.66 -19.01
CA ALA D 148 6.34 12.61 -18.31
C ALA D 148 5.12 11.83 -17.81
N ASP D 149 4.63 10.89 -18.63
CA ASP D 149 3.50 10.06 -18.23
C ASP D 149 3.93 9.23 -17.02
N PHE D 150 5.16 8.72 -17.06
CA PHE D 150 5.70 7.93 -15.97
C PHE D 150 5.70 8.79 -14.70
N TYR D 151 6.20 10.01 -14.81
CA TYR D 151 6.27 10.88 -13.64
C TYR D 151 4.90 11.22 -13.09
N TRP D 152 3.91 11.38 -13.98
CA TRP D 152 2.56 11.66 -13.51
C TRP D 152 2.08 10.48 -12.68
N GLU D 153 2.28 9.26 -13.18
CA GLU D 153 1.81 8.09 -12.45
C GLU D 153 2.51 7.94 -11.10
N ILE D 154 3.81 8.21 -11.07
CA ILE D 154 4.59 8.09 -9.85
C ILE D 154 4.16 9.14 -8.81
N CYS D 155 4.06 10.40 -9.25
CA CYS D 155 3.67 11.46 -8.33
C CYS D 155 2.24 11.27 -7.81
N SER D 156 1.31 10.97 -8.71
CA SER D 156 -0.07 10.78 -8.29
C SER D 156 -0.24 9.56 -7.38
N THR D 157 0.58 8.53 -7.58
CA THR D 157 0.49 7.36 -6.72
C THR D 157 0.77 7.75 -5.27
N THR D 158 1.81 8.55 -5.06
CA THR D 158 2.11 8.93 -3.68
C THR D 158 1.13 9.97 -3.13
N LEU D 159 0.71 10.92 -3.96
CA LEU D 159 -0.24 11.92 -3.48
C LEU D 159 -1.55 11.26 -3.06
N LEU D 160 -1.96 10.23 -3.81
CA LEU D 160 -3.19 9.51 -3.52
C LEU D 160 -3.16 8.85 -2.15
N VAL D 161 -1.96 8.57 -1.65
CA VAL D 161 -1.84 7.95 -0.33
C VAL D 161 -2.32 8.94 0.72
N PHE D 162 -2.01 10.23 0.50
CA PHE D 162 -2.38 11.27 1.44
C PHE D 162 -3.76 11.88 1.14
N LYS D 163 -4.18 11.80 -0.12
CA LYS D 163 -5.46 12.36 -0.51
C LYS D 163 -6.15 11.38 -1.48
N PRO D 164 -6.80 10.34 -0.94
CA PRO D 164 -7.49 9.33 -1.75
C PRO D 164 -8.44 9.84 -2.83
N ASP D 165 -9.14 10.95 -2.57
CA ASP D 165 -10.08 11.47 -3.55
C ASP D 165 -9.48 12.50 -4.52
N LEU D 166 -8.16 12.61 -4.51
CA LEU D 166 -7.44 13.56 -5.37
C LEU D 166 -7.95 13.63 -6.81
N LEU D 167 -8.25 12.48 -7.41
CA LEU D 167 -8.68 12.44 -8.81
C LEU D 167 -10.14 12.07 -9.05
N ASP D 168 -10.97 12.18 -8.03
CA ASP D 168 -12.39 11.82 -8.21
C ASP D 168 -13.11 12.69 -9.25
N ASN D 169 -12.60 13.90 -9.47
CA ASN D 169 -13.21 14.80 -10.46
C ASN D 169 -12.45 14.77 -11.78
N HIS D 170 -11.47 13.86 -11.90
CA HIS D 170 -10.67 13.78 -13.11
C HIS D 170 -10.43 12.36 -13.59
N PRO D 171 -11.49 11.67 -14.03
CA PRO D 171 -11.36 10.30 -14.51
C PRO D 171 -10.35 10.10 -15.65
N ARG D 172 -10.16 11.13 -16.47
CA ARG D 172 -9.22 11.01 -17.57
C ARG D 172 -7.78 10.89 -17.07
N LEU D 173 -7.50 11.50 -15.92
CA LEU D 173 -6.16 11.41 -15.34
C LEU D 173 -5.97 10.03 -14.71
N VAL D 174 -7.08 9.42 -14.28
CA VAL D 174 -7.04 8.09 -13.70
C VAL D 174 -6.79 7.10 -14.83
N THR D 175 -7.45 7.32 -15.96
CA THR D 175 -7.27 6.45 -17.12
C THR D 175 -5.81 6.46 -17.56
N LEU D 176 -5.17 7.62 -17.50
CA LEU D 176 -3.76 7.73 -17.88
C LEU D 176 -2.89 6.91 -16.93
N ARG D 177 -3.17 7.01 -15.64
CA ARG D 177 -2.43 6.22 -14.64
C ARG D 177 -2.54 4.74 -14.98
N LYS D 178 -3.75 4.29 -15.26
CA LYS D 178 -3.97 2.88 -15.62
C LYS D 178 -3.21 2.46 -16.87
N LYS D 179 -3.13 3.35 -17.86
CA LYS D 179 -2.42 3.04 -19.09
C LYS D 179 -0.94 2.83 -18.82
N VAL D 180 -0.36 3.68 -17.98
CA VAL D 180 1.06 3.56 -17.64
C VAL D 180 1.28 2.26 -16.89
N GLN D 181 0.40 1.99 -15.93
CA GLN D 181 0.48 0.79 -15.11
C GLN D 181 0.29 -0.51 -15.91
N ALA D 182 -0.33 -0.41 -17.08
CA ALA D 182 -0.57 -1.59 -17.92
C ALA D 182 0.57 -1.94 -18.88
N ILE D 183 1.49 -1.00 -19.10
CA ILE D 183 2.63 -1.28 -19.98
C ILE D 183 3.35 -2.48 -19.35
N PRO D 184 3.47 -3.59 -20.08
CA PRO D 184 4.13 -4.80 -19.55
C PRO D 184 5.37 -4.62 -18.69
N ALA D 185 6.39 -3.94 -19.20
CA ALA D 185 7.63 -3.74 -18.45
C ALA D 185 7.38 -3.00 -17.15
N VAL D 186 6.49 -2.01 -17.21
CA VAL D 186 6.18 -1.22 -16.03
C VAL D 186 5.34 -2.03 -15.05
N ALA D 187 4.36 -2.76 -15.58
CA ALA D 187 3.51 -3.59 -14.74
C ALA D 187 4.35 -4.60 -13.97
N ASN D 188 5.33 -5.18 -14.66
CA ASN D 188 6.21 -6.16 -14.03
C ASN D 188 6.99 -5.54 -12.87
N TRP D 189 7.51 -4.34 -13.09
CA TRP D 189 8.27 -3.66 -12.04
C TRP D 189 7.39 -3.31 -10.84
N ILE D 190 6.18 -2.82 -11.11
CA ILE D 190 5.26 -2.44 -10.05
C ILE D 190 4.90 -3.63 -9.16
N LYS D 191 4.79 -4.81 -9.77
CA LYS D 191 4.43 -6.00 -9.02
C LYS D 191 5.59 -6.57 -8.20
N ARG D 192 6.80 -6.45 -8.72
CA ARG D 192 7.97 -7.01 -8.03
C ARG D 192 8.75 -6.08 -7.10
N ARG D 193 8.62 -4.78 -7.28
CA ARG D 193 9.37 -3.83 -6.45
C ARG D 193 9.05 -3.97 -4.97
N PRO D 194 9.99 -3.56 -4.10
CA PRO D 194 9.77 -3.65 -2.65
C PRO D 194 8.56 -2.77 -2.30
N GLN D 195 7.70 -3.27 -1.41
CA GLN D 195 6.54 -2.52 -1.01
C GLN D 195 6.89 -1.54 0.12
N THR D 196 6.81 -0.25 -0.19
CA THR D 196 7.14 0.79 0.76
C THR D 196 6.01 1.82 0.79
N LYS D 197 5.91 2.56 1.89
CA LYS D 197 4.86 3.56 2.00
C LYS D 197 5.03 4.67 0.98
N LEU D 198 6.24 5.23 0.94
CA LEU D 198 6.56 6.32 0.03
C LEU D 198 7.56 5.89 -1.04
#